data_3LP1
#
_entry.id   3LP1
#
_cell.length_a   118.784
_cell.length_b   155.264
_cell.length_c   155.244
_cell.angle_alpha   90.00
_cell.angle_beta   90.00
_cell.angle_gamma   90.00
#
_symmetry.space_group_name_H-M   'C 2 2 21'
#
loop_
_entity.id
_entity.type
_entity.pdbx_description
1 polymer 'Reverse transcriptase/ribonuclease H'
2 polymer 'p51 RT'
3 non-polymer 3-cyclopentyl-1,4-dihydroxy-1,8-naphthyridin-2(1H)-one
4 non-polymer 'MANGANESE (II) ION'
5 non-polymer "11-CYCLOPROPYL-5,11-DIHYDRO-4-METHYL-6H-DIPYRIDO[3,2-B:2',3'-E][1,4]DIAZEPIN-6-ONE"
6 water water
#
loop_
_entity_poly.entity_id
_entity_poly.type
_entity_poly.pdbx_seq_one_letter_code
_entity_poly.pdbx_strand_id
1 'polypeptide(L)'
;MNSPISPIETVPVKLKPGMDGPKVKQWPLTEEKIKALVEICTEMEKEGKISKIGPENPYNTPVFAIKKKDSTKWRKLVDF
RELNKRTQDFWEVQLGIPHPAGLKKNKSVTVLDVGDAYFSVPLDEDFRKYTAFTIPSINNETPGIRYQYNVLPQGWKGSP
AIFQSSMTKILEPFRKQNPDIVIYQYMDDLYVGSDLEIGQHRTKIEELRQHLLRWGLTTPDKKHQKEPPFLWMGYELHPD
KWTVQPIVLPEKDSWTVNDIQKLVGKLNWASQIYPGIKVRQLCKLLRGTKALTEVIPLTEEAELELAENREILKEPVHGV
YYDPSKDLIAEIQKQGQGQWTYQIYQEPFKNLKTGKYARMRGAHTNDVKQLTEAVQKITTESIVIWGKTPKFKLPIQKET
WETWWTEYWQATWIPEWEFVNTPPLVKLWYQLEKEPIVGAETFYVDGAANRETKLGKAGYVTNRGRQKVVTLTDTTNQKT
ELQAIYLALQDSGLEVNIVTDSQYALGIIQAQPDQSESELVNQIIEQLIKKEKVYLAWVPAHKGIGGNEQVDKLVSAGIR
KVL
;
A
2 'polypeptide(L)'
;MNSPISPIETVPVKLKPGMDGPKVKQWPLTEEKIKALVEICTEMEKEGKISKIGPENPYNTPVFAIKKKDSTKWRKLVDF
RELNKRTQDFWEVQLGIPHPAGLKKNKSVTVLDVGDAYFSVPLDEDFRKYTAFTIPSINNETPGIRYQYNVLPQGWKGSP
AIFQSSMTKILEPFRKQNPDIVIYQYMDDLYVGSDLEIGQHRTKIEELRQHLLRWGLTTPDKKHQKEPPFLWMGYELHPD
KWTVQPIVLPEKDSWTVNDIQKLVGKLNWASQIYPGIKVRQLCKLLRGTKALTEVIPLTEEAELELAENREILKEPVHGV
YYDPSKDLIAEIQKQGQGQWTYQIYQEPFKNLKTGKYARMRGAHTNDVKQLTEAVQKITTESIVIWGKTPKFKLPIQKET
WETWWTEYWQATWIPEWEFVNTPPLVKLWYQLEKEPIVGAETF
;
B
#
loop_
_chem_comp.id
_chem_comp.type
_chem_comp.name
_chem_comp.formula
LP8 non-polymer 3-cyclopentyl-1,4-dihydroxy-1,8-naphthyridin-2(1H)-one 'C13 H14 N2 O3'
MN non-polymer 'MANGANESE (II) ION' 'Mn 2'
NVP non-polymer 11-CYCLOPROPYL-5,11-DIHYDRO-4-METHYL-6H-DIPYRIDO[3,2-B:2',3'-E][1,4]DIAZEPIN-6-ONE 'C15 H14 N4 O'
#
# COMPACT_ATOMS: atom_id res chain seq x y z
N SER A 3 3.32 37.66 28.59
CA SER A 3 3.61 36.62 27.56
C SER A 3 4.02 37.26 26.23
N PRO A 4 5.19 36.87 25.69
CA PRO A 4 5.69 37.46 24.45
C PRO A 4 5.04 36.90 23.19
N ILE A 5 5.10 37.68 22.11
CA ILE A 5 4.71 37.23 20.78
C ILE A 5 6.00 36.99 20.00
N SER A 6 6.16 35.79 19.46
CA SER A 6 7.39 35.40 18.76
C SER A 6 7.70 36.30 17.55
N PRO A 7 8.96 36.75 17.42
CA PRO A 7 9.37 37.59 16.30
C PRO A 7 9.65 36.85 14.97
N ILE A 8 9.25 35.58 14.87
CA ILE A 8 9.47 34.80 13.64
C ILE A 8 8.63 35.29 12.48
N GLU A 9 9.05 34.91 11.27
CA GLU A 9 8.35 35.25 10.04
C GLU A 9 6.97 34.60 10.03
N THR A 10 6.00 35.29 9.42
CA THR A 10 4.63 34.82 9.38
C THR A 10 4.39 33.85 8.21
N VAL A 11 3.46 32.94 8.39
CA VAL A 11 3.09 31.99 7.34
C VAL A 11 1.88 32.54 6.57
N PRO A 12 2.02 32.73 5.24
CA PRO A 12 0.91 33.24 4.43
C PRO A 12 -0.27 32.27 4.39
N VAL A 13 -1.45 32.78 4.70
CA VAL A 13 -2.68 31.98 4.73
C VAL A 13 -3.67 32.51 3.70
N LYS A 14 -4.42 31.59 3.08
CA LYS A 14 -5.45 31.94 2.12
C LYS A 14 -6.77 31.26 2.47
N LEU A 15 -7.86 31.81 1.94
CA LEU A 15 -9.15 31.14 1.99
C LEU A 15 -9.22 30.14 0.84
N LYS A 16 -10.15 29.19 0.93
CA LYS A 16 -10.40 28.24 -0.16
C LYS A 16 -10.85 29.00 -1.40
N PRO A 17 -10.39 28.57 -2.59
CA PRO A 17 -10.73 29.24 -3.85
C PRO A 17 -12.23 29.46 -4.03
N GLY A 18 -12.61 30.67 -4.43
CA GLY A 18 -14.01 31.03 -4.67
C GLY A 18 -14.82 31.30 -3.41
N MET A 19 -14.14 31.42 -2.27
CA MET A 19 -14.81 31.67 -1.00
C MET A 19 -14.35 32.99 -0.37
N ASP A 20 -15.27 33.66 0.30
CA ASP A 20 -14.98 34.88 1.04
C ASP A 20 -15.02 34.57 2.54
N GLY A 21 -14.57 35.52 3.36
CA GLY A 21 -14.55 35.35 4.82
C GLY A 21 -15.92 35.18 5.45
N PRO A 22 -15.97 34.68 6.71
CA PRO A 22 -17.23 34.39 7.38
C PRO A 22 -18.00 35.65 7.77
N LYS A 23 -19.33 35.59 7.68
CA LYS A 23 -20.20 36.71 8.03
C LYS A 23 -21.39 36.23 8.87
N VAL A 24 -21.10 35.39 9.87
CA VAL A 24 -22.12 34.85 10.77
C VAL A 24 -22.36 35.83 11.92
N LYS A 25 -23.62 36.20 12.13
CA LYS A 25 -23.98 37.27 13.07
C LYS A 25 -23.87 36.86 14.55
N GLN A 26 -23.59 37.84 15.39
CA GLN A 26 -23.44 37.64 16.84
C GLN A 26 -24.80 37.56 17.52
N TRP A 27 -24.98 36.49 18.30
CA TRP A 27 -26.18 36.29 19.11
C TRP A 27 -26.13 37.19 20.35
N PRO A 28 -27.27 37.81 20.73
CA PRO A 28 -27.36 38.59 21.95
C PRO A 28 -26.92 37.80 23.19
N LEU A 29 -26.11 38.43 24.03
CA LEU A 29 -25.57 37.79 25.22
C LEU A 29 -26.11 38.46 26.48
N THR A 30 -26.08 37.73 27.60
CA THR A 30 -26.44 38.28 28.90
C THR A 30 -25.41 39.31 29.34
N GLU A 31 -25.81 40.21 30.24
CA GLU A 31 -24.93 41.25 30.76
C GLU A 31 -23.66 40.70 31.40
N GLU A 32 -23.80 39.61 32.16
CA GLU A 32 -22.67 39.00 32.87
C GLU A 32 -21.64 38.40 31.91
N LYS A 33 -22.11 37.87 30.79
CA LYS A 33 -21.25 37.31 29.75
C LYS A 33 -20.53 38.41 28.98
N ILE A 34 -21.24 39.50 28.70
CA ILE A 34 -20.69 40.67 28.01
C ILE A 34 -19.59 41.33 28.85
N LYS A 35 -19.87 41.52 30.14
CA LYS A 35 -18.90 42.08 31.08
C LYS A 35 -17.65 41.21 31.15
N ALA A 36 -17.86 39.91 31.27
CA ALA A 36 -16.76 38.94 31.31
C ALA A 36 -15.91 38.98 30.04
N LEU A 37 -16.55 39.09 28.88
CA LEU A 37 -15.84 39.17 27.61
C LEU A 37 -15.03 40.46 27.47
N VAL A 38 -15.63 41.57 27.87
CA VAL A 38 -14.96 42.88 27.83
C VAL A 38 -13.67 42.85 28.64
N GLU A 39 -13.74 42.30 29.85
CA GLU A 39 -12.58 42.16 30.74
C GLU A 39 -11.47 41.30 30.10
N ILE A 40 -11.85 40.14 29.57
CA ILE A 40 -10.91 39.24 28.88
C ILE A 40 -10.26 39.93 27.67
N CYS A 41 -11.09 40.58 26.85
CA CYS A 41 -10.63 41.18 25.60
C CYS A 41 -9.72 42.40 25.76
N THR A 42 -9.93 43.19 26.81
CA THR A 42 -9.07 44.35 27.07
C THR A 42 -7.69 43.91 27.56
N GLU A 43 -7.64 42.81 28.30
CA GLU A 43 -6.39 42.23 28.77
C GLU A 43 -5.62 41.58 27.62
N MET A 44 -6.35 40.88 26.75
CA MET A 44 -5.77 40.29 25.54
C MET A 44 -5.26 41.37 24.58
N GLU A 45 -5.97 42.50 24.53
CA GLU A 45 -5.60 43.64 23.68
C GLU A 45 -4.33 44.32 24.19
N LYS A 46 -4.18 44.39 25.51
CA LYS A 46 -2.98 44.97 26.12
C LYS A 46 -1.77 44.05 25.97
N GLU A 47 -2.03 42.74 25.89
CA GLU A 47 -0.98 41.75 25.67
C GLU A 47 -0.56 41.68 24.19
N GLY A 48 -1.33 42.34 23.32
CA GLY A 48 -1.04 42.38 21.89
C GLY A 48 -1.67 41.24 21.10
N LYS A 49 -2.39 40.36 21.80
CA LYS A 49 -3.02 39.18 21.20
C LYS A 49 -4.14 39.53 20.23
N ILE A 50 -4.94 40.54 20.58
CA ILE A 50 -6.01 41.05 19.71
C ILE A 50 -5.93 42.57 19.56
N SER A 51 -6.64 43.10 18.56
CA SER A 51 -6.67 44.55 18.31
C SER A 51 -8.05 45.04 17.89
N LYS A 52 -8.41 46.25 18.34
CA LYS A 52 -9.66 46.91 17.98
C LYS A 52 -9.73 47.22 16.49
N ILE A 53 -10.91 47.01 15.91
CA ILE A 53 -11.18 47.37 14.51
C ILE A 53 -12.52 48.11 14.38
N GLY A 54 -12.67 48.87 13.29
CA GLY A 54 -13.90 49.58 13.02
C GLY A 54 -14.97 48.72 12.36
N PRO A 55 -16.12 49.34 12.01
CA PRO A 55 -17.24 48.62 11.39
C PRO A 55 -17.11 48.51 9.86
N GLU A 56 -15.97 48.93 9.32
CA GLU A 56 -15.67 48.78 7.89
C GLU A 56 -15.33 47.34 7.54
N ASN A 57 -14.86 46.59 8.54
CA ASN A 57 -14.62 45.15 8.42
C ASN A 57 -15.95 44.41 8.37
N PRO A 58 -16.22 43.70 7.26
CA PRO A 58 -17.51 43.04 7.07
C PRO A 58 -17.63 41.65 7.72
N TYR A 59 -16.50 41.11 8.18
CA TYR A 59 -16.45 39.73 8.66
C TYR A 59 -16.80 39.59 10.15
N ASN A 60 -17.47 38.49 10.48
CA ASN A 60 -17.78 38.18 11.88
C ASN A 60 -17.80 36.69 12.21
N THR A 61 -17.29 36.38 13.40
CA THR A 61 -17.35 35.04 13.99
C THR A 61 -17.94 35.19 15.40
N PRO A 62 -18.95 34.36 15.74
CA PRO A 62 -19.61 34.50 17.04
C PRO A 62 -18.70 34.16 18.24
N VAL A 63 -18.82 34.93 19.30
CA VAL A 63 -18.15 34.64 20.56
C VAL A 63 -19.14 34.25 21.65
N PHE A 64 -18.65 33.45 22.60
CA PHE A 64 -19.46 33.00 23.72
C PHE A 64 -18.60 33.03 25.00
N ALA A 65 -19.27 33.10 26.14
CA ALA A 65 -18.57 33.10 27.43
C ALA A 65 -19.03 31.92 28.28
N ILE A 66 -18.07 31.12 28.75
CA ILE A 66 -18.36 29.97 29.62
C ILE A 66 -17.56 30.00 30.92
N LYS A 67 -18.20 29.54 31.99
CA LYS A 67 -17.56 29.40 33.29
C LYS A 67 -16.61 28.20 33.31
N THR A 72 -15.62 30.25 39.14
CA THR A 72 -15.38 31.65 39.52
C THR A 72 -14.86 32.47 38.33
N LYS A 73 -13.97 31.88 37.54
CA LYS A 73 -13.41 32.56 36.37
C LYS A 73 -14.21 32.28 35.10
N TRP A 74 -14.16 33.22 34.17
CA TRP A 74 -14.77 33.07 32.85
C TRP A 74 -13.71 32.78 31.80
N ARG A 75 -14.14 32.14 30.71
CA ARG A 75 -13.30 32.03 29.52
C ARG A 75 -14.08 32.27 28.22
N LYS A 76 -13.37 32.77 27.22
CA LYS A 76 -13.95 33.15 25.94
C LYS A 76 -13.83 32.02 24.92
N LEU A 77 -14.95 31.68 24.29
CA LEU A 77 -14.98 30.69 23.23
C LEU A 77 -15.37 31.33 21.89
N VAL A 78 -14.48 31.25 20.92
CA VAL A 78 -14.75 31.72 19.57
C VAL A 78 -15.10 30.52 18.69
N ASP A 79 -16.30 30.52 18.14
CA ASP A 79 -16.80 29.42 17.31
C ASP A 79 -16.32 29.58 15.87
N PHE A 80 -15.15 29.02 15.57
CA PHE A 80 -14.51 29.19 14.26
C PHE A 80 -14.98 28.23 13.15
N ARG A 81 -16.06 27.49 13.41
CA ARG A 81 -16.60 26.52 12.46
C ARG A 81 -16.74 27.05 11.04
N GLU A 82 -17.24 28.28 10.91
CA GLU A 82 -17.47 28.89 9.60
C GLU A 82 -16.17 29.33 8.92
N LEU A 83 -15.24 29.87 9.69
CA LEU A 83 -13.92 30.27 9.15
C LEU A 83 -13.10 29.05 8.74
N ASN A 84 -13.12 28.00 9.57
CA ASN A 84 -12.43 26.75 9.28
C ASN A 84 -12.89 26.11 7.96
N LYS A 85 -14.19 26.14 7.74
CA LYS A 85 -14.82 25.67 6.50
C LYS A 85 -14.31 26.45 5.28
N ARG A 86 -13.96 27.71 5.49
CA ARG A 86 -13.52 28.60 4.40
C ARG A 86 -12.01 28.73 4.26
N THR A 87 -11.27 28.27 5.28
CA THR A 87 -9.81 28.33 5.26
C THR A 87 -9.22 27.18 4.43
N GLN A 88 -8.11 27.46 3.75
CA GLN A 88 -7.37 26.46 2.97
C GLN A 88 -6.98 25.23 3.79
N ASP A 89 -6.71 24.13 3.09
CA ASP A 89 -6.13 22.95 3.71
C ASP A 89 -4.65 23.22 3.97
N PHE A 90 -4.13 22.59 5.02
CA PHE A 90 -2.72 22.69 5.38
C PHE A 90 -2.08 21.31 5.31
N TRP A 91 -0.75 21.27 5.37
CA TRP A 91 -0.05 20.01 5.52
C TRP A 91 -0.34 19.44 6.90
N GLU A 92 -0.48 18.11 6.97
CA GLU A 92 -0.82 17.44 8.23
C GLU A 92 0.25 17.66 9.30
N VAL A 93 -0.20 17.78 10.54
CA VAL A 93 0.67 18.08 11.68
C VAL A 93 1.70 16.97 11.90
N GLN A 94 1.31 15.74 11.59
CA GLN A 94 2.23 14.60 11.58
C GLN A 94 1.58 13.40 10.90
N LEU A 95 2.42 12.55 10.31
CA LEU A 95 1.96 11.36 9.57
C LEU A 95 1.95 10.12 10.46
N GLY A 96 2.41 10.29 11.70
CA GLY A 96 2.45 9.22 12.68
C GLY A 96 3.09 9.71 13.95
N ILE A 97 2.96 8.93 15.03
CA ILE A 97 3.63 9.28 16.27
C ILE A 97 4.75 8.27 16.54
N PRO A 98 5.83 8.71 17.21
CA PRO A 98 6.89 7.76 17.56
C PRO A 98 6.37 6.61 18.40
N HIS A 99 6.86 5.41 18.13
CA HIS A 99 6.67 4.32 19.06
C HIS A 99 7.85 4.32 20.03
N PRO A 100 7.58 4.18 21.33
CA PRO A 100 8.63 4.13 22.36
C PRO A 100 9.74 3.12 22.08
N ALA A 101 9.40 1.97 21.50
CA ALA A 101 10.38 0.94 21.13
C ALA A 101 11.49 1.45 20.20
N GLY A 102 11.15 2.43 19.36
CA GLY A 102 12.11 3.00 18.41
C GLY A 102 13.03 4.08 18.97
N LEU A 103 12.73 4.55 20.19
CA LEU A 103 13.56 5.55 20.86
C LEU A 103 14.87 4.94 21.36
N LYS A 104 15.90 5.77 21.43
CA LYS A 104 17.20 5.33 21.96
C LYS A 104 17.30 5.70 23.43
N LYS A 105 18.05 4.90 24.19
CA LYS A 105 18.25 5.13 25.62
C LYS A 105 19.08 6.39 25.84
N ASN A 106 18.59 7.25 26.73
CA ASN A 106 19.31 8.47 27.14
C ASN A 106 19.65 8.44 28.61
N LYS A 107 20.69 9.18 28.98
CA LYS A 107 21.07 9.33 30.39
C LYS A 107 20.04 10.20 31.12
N SER A 108 19.63 11.29 30.46
CA SER A 108 18.63 12.20 30.99
C SER A 108 17.72 12.70 29.87
N VAL A 109 16.43 12.86 30.19
CA VAL A 109 15.46 13.46 29.28
C VAL A 109 14.53 14.40 30.05
N THR A 110 14.36 15.62 29.54
CA THR A 110 13.56 16.64 30.21
C THR A 110 12.40 17.10 29.32
N VAL A 111 11.24 17.31 29.95
CA VAL A 111 10.08 17.89 29.27
C VAL A 111 10.03 19.40 29.52
N LEU A 112 9.79 20.15 28.45
CA LEU A 112 9.58 21.59 28.53
C LEU A 112 8.30 21.97 27.79
N ASP A 113 7.31 22.44 28.54
CA ASP A 113 6.05 22.89 27.93
C ASP A 113 6.13 24.37 27.57
N VAL A 114 5.48 24.74 26.48
CA VAL A 114 5.44 26.13 26.03
C VAL A 114 4.20 26.82 26.59
N GLY A 115 4.43 27.92 27.32
CA GLY A 115 3.34 28.69 27.92
C GLY A 115 2.54 29.45 26.87
N ASP A 116 1.22 29.23 26.89
CA ASP A 116 0.30 29.82 25.91
C ASP A 116 0.81 29.67 24.48
N ALA A 117 0.88 28.43 24.03
CA ALA A 117 1.51 28.07 22.75
C ALA A 117 1.09 28.94 21.57
N TYR A 118 -0.18 28.85 21.17
CA TYR A 118 -0.69 29.52 19.97
C TYR A 118 -0.61 31.05 20.07
N PHE A 119 -0.87 31.57 21.26
CA PHE A 119 -0.87 33.01 21.50
C PHE A 119 0.52 33.65 21.41
N SER A 120 1.56 32.83 21.28
CA SER A 120 2.93 33.31 21.21
C SER A 120 3.46 33.41 19.79
N VAL A 121 2.65 33.04 18.80
CA VAL A 121 3.06 33.10 17.39
C VAL A 121 2.09 33.95 16.58
N PRO A 122 2.61 34.93 15.82
CA PRO A 122 1.79 35.88 15.05
C PRO A 122 1.03 35.24 13.90
N LEU A 123 -0.09 35.86 13.54
CA LEU A 123 -0.90 35.46 12.40
C LEU A 123 -0.62 36.36 11.21
N ASP A 124 -0.66 35.78 10.02
CA ASP A 124 -0.49 36.50 8.76
C ASP A 124 -1.40 37.74 8.72
N GLU A 125 -0.77 38.91 8.57
CA GLU A 125 -1.47 40.20 8.65
C GLU A 125 -2.66 40.33 7.71
N ASP A 126 -2.54 39.74 6.53
CA ASP A 126 -3.58 39.81 5.50
C ASP A 126 -4.74 38.84 5.76
N PHE A 127 -4.57 37.94 6.74
CA PHE A 127 -5.60 36.98 7.11
C PHE A 127 -6.30 37.38 8.41
N ARG A 128 -5.69 38.33 9.13
CA ARG A 128 -6.17 38.77 10.44
C ARG A 128 -7.60 39.31 10.41
N LYS A 129 -7.96 39.97 9.31
CA LYS A 129 -9.30 40.56 9.16
C LYS A 129 -10.44 39.55 9.20
N TYR A 130 -10.15 38.31 8.81
CA TYR A 130 -11.16 37.25 8.79
C TYR A 130 -11.46 36.65 10.17
N THR A 131 -10.65 36.99 11.16
CA THR A 131 -10.81 36.48 12.53
C THR A 131 -11.64 37.42 13.40
N ALA A 132 -12.26 38.41 12.78
CA ALA A 132 -13.02 39.44 13.47
C ALA A 132 -14.19 38.88 14.28
N PHE A 133 -14.34 39.37 15.50
CA PHE A 133 -15.47 39.02 16.35
C PHE A 133 -16.06 40.25 17.05
N THR A 134 -17.31 40.15 17.47
CA THR A 134 -18.02 41.27 18.08
C THR A 134 -18.53 40.92 19.47
N ILE A 135 -18.13 41.71 20.46
CA ILE A 135 -18.74 41.66 21.78
C ILE A 135 -19.99 42.55 21.70
N PRO A 136 -21.18 41.93 21.80
CA PRO A 136 -22.40 42.71 21.63
C PRO A 136 -22.67 43.62 22.82
N SER A 137 -23.31 44.76 22.57
CA SER A 137 -23.72 45.66 23.63
C SER A 137 -24.94 45.10 24.36
N ILE A 138 -25.28 45.69 25.51
CA ILE A 138 -26.44 45.28 26.29
C ILE A 138 -27.70 45.42 25.44
N ASN A 139 -28.38 44.29 25.21
CA ASN A 139 -29.47 44.18 24.23
C ASN A 139 -29.04 44.55 22.80
N ASN A 140 -29.92 45.21 22.05
CA ASN A 140 -29.63 45.62 20.69
C ASN A 140 -28.83 46.93 20.62
N GLU A 141 -29.30 47.91 21.38
CA GLU A 141 -28.84 49.32 21.35
C GLU A 141 -27.51 49.64 20.63
N THR A 142 -26.43 49.73 21.39
CA THR A 142 -25.13 50.22 20.91
C THR A 142 -24.49 49.29 19.88
N PRO A 143 -23.72 49.83 18.94
CA PRO A 143 -22.79 49.00 18.15
C PRO A 143 -21.79 48.30 19.08
N GLY A 144 -21.51 47.02 18.78
CA GLY A 144 -20.62 46.22 19.62
C GLY A 144 -19.16 46.59 19.51
N ILE A 145 -18.33 45.95 20.34
CA ILE A 145 -16.89 46.16 20.30
C ILE A 145 -16.25 45.10 19.39
N ARG A 146 -15.55 45.57 18.36
CA ARG A 146 -15.01 44.71 17.32
C ARG A 146 -13.51 44.49 17.49
N TYR A 147 -13.10 43.23 17.51
CA TYR A 147 -11.68 42.86 17.57
C TYR A 147 -11.28 41.93 16.43
N GLN A 148 -9.97 41.87 16.18
CA GLN A 148 -9.39 40.86 15.30
C GLN A 148 -8.15 40.27 15.95
N TYR A 149 -7.78 39.06 15.56
CA TYR A 149 -6.61 38.39 16.12
C TYR A 149 -5.31 38.84 15.46
N ASN A 150 -4.26 38.93 16.26
CA ASN A 150 -2.90 39.19 15.76
C ASN A 150 -2.06 37.92 15.84
N VAL A 151 -2.56 36.94 16.61
CA VAL A 151 -1.86 35.69 16.88
C VAL A 151 -2.71 34.48 16.44
N LEU A 152 -2.14 33.28 16.52
CA LEU A 152 -2.85 32.05 16.17
C LEU A 152 -4.04 31.81 17.10
N PRO A 153 -5.26 31.87 16.54
CA PRO A 153 -6.45 31.70 17.36
C PRO A 153 -6.67 30.25 17.76
N GLN A 154 -7.17 30.04 18.98
CA GLN A 154 -7.52 28.71 19.47
C GLN A 154 -8.77 28.20 18.74
N GLY A 155 -8.69 26.98 18.24
CA GLY A 155 -9.80 26.38 17.50
C GLY A 155 -9.82 26.69 16.01
N TRP A 156 -8.89 27.52 15.56
CA TRP A 156 -8.74 27.80 14.12
C TRP A 156 -7.96 26.69 13.44
N LYS A 157 -8.37 26.39 12.20
CA LYS A 157 -7.86 25.28 11.40
C LYS A 157 -6.34 25.27 11.20
N GLY A 158 -5.76 26.44 10.99
CA GLY A 158 -4.35 26.56 10.65
C GLY A 158 -3.37 26.58 11.81
N SER A 159 -3.88 26.81 13.03
CA SER A 159 -3.05 27.00 14.21
C SER A 159 -2.11 25.83 14.56
N PRO A 160 -2.63 24.59 14.64
CA PRO A 160 -1.74 23.46 14.91
C PRO A 160 -0.52 23.38 13.98
N ALA A 161 -0.74 23.47 12.67
CA ALA A 161 0.32 23.33 11.68
C ALA A 161 1.29 24.51 11.67
N ILE A 162 0.77 25.72 11.83
CA ILE A 162 1.59 26.93 11.82
C ILE A 162 2.44 27.03 13.10
N PHE A 163 1.90 26.61 14.24
CA PHE A 163 2.68 26.55 15.47
C PHE A 163 3.84 25.55 15.37
N GLN A 164 3.55 24.34 14.87
CA GLN A 164 4.57 23.31 14.69
C GLN A 164 5.68 23.78 13.76
N SER A 165 5.28 24.33 12.62
CA SER A 165 6.22 24.86 11.63
C SER A 165 7.09 25.98 12.22
N SER A 166 6.50 26.81 13.07
CA SER A 166 7.23 27.88 13.75
C SER A 166 8.27 27.32 14.71
N MET A 167 7.88 26.33 15.51
CA MET A 167 8.79 25.67 16.45
C MET A 167 9.97 24.99 15.74
N THR A 168 9.67 24.32 14.62
CA THR A 168 10.69 23.65 13.81
C THR A 168 11.76 24.64 13.35
N LYS A 169 11.33 25.80 12.84
CA LYS A 169 12.24 26.87 12.42
C LYS A 169 13.05 27.45 13.58
N ILE A 170 12.41 27.59 14.74
CA ILE A 170 13.08 28.08 15.96
C ILE A 170 14.13 27.10 16.48
N LEU A 171 13.80 25.81 16.47
CA LEU A 171 14.71 24.78 16.98
C LEU A 171 15.88 24.48 16.04
N GLU A 172 15.71 24.81 14.76
CA GLU A 172 16.69 24.48 13.71
C GLU A 172 18.13 24.94 14.00
N PRO A 173 18.34 26.24 14.33
CA PRO A 173 19.69 26.66 14.72
C PRO A 173 20.26 25.84 15.88
N PHE A 174 19.48 25.69 16.95
CA PHE A 174 19.91 24.95 18.15
C PHE A 174 20.24 23.49 17.85
N ARG A 175 19.42 22.85 17.02
CA ARG A 175 19.63 21.46 16.61
C ARG A 175 20.95 21.28 15.87
N LYS A 176 21.25 22.20 14.96
CA LYS A 176 22.41 22.10 14.06
C LYS A 176 23.75 22.23 14.79
N GLN A 177 23.78 23.06 15.83
CA GLN A 177 24.99 23.24 16.62
C GLN A 177 25.00 22.36 17.89
N ASN A 178 23.95 21.57 18.05
CA ASN A 178 23.88 20.55 19.10
C ASN A 178 23.29 19.25 18.54
N PRO A 179 24.00 18.62 17.57
CA PRO A 179 23.44 17.52 16.79
C PRO A 179 23.27 16.21 17.56
N ASP A 180 23.97 16.08 18.68
CA ASP A 180 23.90 14.88 19.52
C ASP A 180 22.98 15.05 20.72
N ILE A 181 22.02 15.97 20.60
CA ILE A 181 20.95 16.15 21.57
C ILE A 181 19.62 15.97 20.83
N VAL A 182 18.78 15.07 21.33
CA VAL A 182 17.53 14.76 20.64
C VAL A 182 16.34 15.54 21.19
N ILE A 183 15.61 16.18 20.28
CA ILE A 183 14.43 16.96 20.62
C ILE A 183 13.24 16.43 19.83
N TYR A 184 12.17 16.06 20.55
CA TYR A 184 10.91 15.71 19.92
C TYR A 184 9.85 16.77 20.19
N GLN A 185 9.21 17.23 19.13
CA GLN A 185 8.13 18.21 19.21
C GLN A 185 6.78 17.49 19.32
N TYR A 186 6.01 17.83 20.34
CA TYR A 186 4.64 17.33 20.46
C TYR A 186 3.69 18.38 21.02
N MET A 187 2.85 18.92 20.15
CA MET A 187 1.93 20.01 20.49
C MET A 187 2.71 21.14 21.18
N ASP A 188 2.37 21.44 22.43
CA ASP A 188 3.05 22.51 23.17
C ASP A 188 4.26 22.00 23.99
N ASP A 189 4.49 20.69 23.95
CA ASP A 189 5.59 20.07 24.70
C ASP A 189 6.85 19.88 23.87
N LEU A 190 7.99 19.93 24.55
CA LEU A 190 9.27 19.57 23.97
C LEU A 190 9.94 18.52 24.84
N TYR A 191 10.39 17.43 24.22
CA TYR A 191 11.13 16.38 24.92
C TYR A 191 12.58 16.45 24.48
N VAL A 192 13.48 16.60 25.45
CA VAL A 192 14.88 16.87 25.17
C VAL A 192 15.79 15.89 25.91
N GLY A 193 16.49 15.05 25.15
CA GLY A 193 17.35 14.02 25.71
C GLY A 193 18.77 14.10 25.20
N SER A 194 19.71 13.68 26.05
CA SER A 194 21.13 13.61 25.68
C SER A 194 21.86 12.57 26.54
N ASP A 195 23.08 12.26 26.14
CA ASP A 195 23.97 11.40 26.91
C ASP A 195 25.03 12.21 27.65
N LEU A 196 24.70 13.46 27.96
CA LEU A 196 25.58 14.33 28.73
C LEU A 196 25.42 14.07 30.22
N GLU A 197 26.49 14.35 30.98
CA GLU A 197 26.49 14.20 32.43
C GLU A 197 25.48 15.15 33.06
N ILE A 198 24.91 14.73 34.19
CA ILE A 198 23.83 15.46 34.88
C ILE A 198 24.08 16.97 34.98
N GLY A 199 25.35 17.36 35.08
CA GLY A 199 25.74 18.77 35.18
C GLY A 199 25.47 19.57 33.92
N GLN A 200 26.10 19.16 32.82
CA GLN A 200 25.96 19.89 31.55
C GLN A 200 24.72 19.52 30.72
N HIS A 201 23.85 18.67 31.28
CA HIS A 201 22.53 18.44 30.69
C HIS A 201 21.58 19.54 31.16
N ARG A 202 21.56 19.77 32.48
CA ARG A 202 20.76 20.82 33.09
C ARG A 202 21.21 22.21 32.60
N THR A 203 22.51 22.33 32.33
CA THR A 203 23.08 23.52 31.72
C THR A 203 22.63 23.67 30.27
N LYS A 204 22.50 22.53 29.58
CA LYS A 204 22.11 22.52 28.17
C LYS A 204 20.64 22.87 27.96
N ILE A 205 19.80 22.47 28.92
CA ILE A 205 18.38 22.84 28.93
C ILE A 205 18.25 24.37 29.04
N GLU A 206 19.10 24.97 29.87
CA GLU A 206 19.12 26.42 30.06
C GLU A 206 19.53 27.18 28.80
N GLU A 207 20.44 26.60 28.02
CA GLU A 207 20.82 27.16 26.72
C GLU A 207 19.64 27.10 25.74
N LEU A 208 18.86 26.02 25.83
CA LEU A 208 17.66 25.84 25.01
C LEU A 208 16.58 26.82 25.47
N ARG A 209 16.35 26.89 26.78
CA ARG A 209 15.36 27.79 27.37
C ARG A 209 15.62 29.26 27.00
N GLN A 210 16.89 29.65 27.00
CA GLN A 210 17.29 31.01 26.61
C GLN A 210 17.14 31.24 25.11
N HIS A 211 17.40 30.19 24.32
CA HIS A 211 17.21 30.26 22.87
C HIS A 211 15.72 30.39 22.53
N LEU A 212 14.88 29.67 23.28
CA LEU A 212 13.44 29.71 23.10
C LEU A 212 12.85 31.04 23.56
N LEU A 213 13.33 31.55 24.70
CA LEU A 213 12.88 32.83 25.23
C LEU A 213 13.27 33.98 24.31
N ARG A 214 14.43 33.84 23.65
CA ARG A 214 14.87 34.81 22.64
C ARG A 214 13.88 34.89 21.49
N TRP A 215 13.22 33.77 21.20
CA TRP A 215 12.22 33.69 20.14
C TRP A 215 10.78 33.74 20.69
N GLY A 216 10.60 34.41 21.83
CA GLY A 216 9.28 34.65 22.40
C GLY A 216 8.52 33.43 22.89
N LEU A 217 9.25 32.42 23.35
CA LEU A 217 8.64 31.21 23.91
C LEU A 217 9.15 30.92 25.31
N THR A 218 8.26 31.00 26.29
CA THR A 218 8.61 30.78 27.69
C THR A 218 8.48 29.31 28.09
N THR A 219 9.41 28.86 28.92
CA THR A 219 9.48 27.46 29.34
C THR A 219 9.73 27.38 30.85
N PRO A 220 9.26 26.30 31.51
CA PRO A 220 9.46 26.17 32.95
C PRO A 220 10.91 25.93 33.34
N ASP A 221 11.32 26.45 34.49
CA ASP A 221 12.67 26.27 35.01
C ASP A 221 12.79 24.99 35.83
N LYS A 222 14.01 24.70 36.31
CA LYS A 222 14.34 23.43 36.97
C LYS A 222 13.32 22.96 38.02
N LYS A 223 12.84 23.89 38.84
CA LYS A 223 11.91 23.56 39.93
C LYS A 223 10.47 23.28 39.47
N HIS A 224 10.14 23.67 38.24
CA HIS A 224 8.78 23.51 37.72
C HIS A 224 8.64 22.39 36.69
N GLN A 225 9.72 22.04 36.01
CA GLN A 225 9.69 20.98 34.99
C GLN A 225 9.52 19.59 35.60
N LYS A 226 8.68 18.79 34.95
CA LYS A 226 8.29 17.46 35.45
C LYS A 226 9.45 16.46 35.52
N GLU A 227 9.33 15.52 36.45
CA GLU A 227 10.30 14.43 36.60
C GLU A 227 9.76 13.13 36.00
N PRO A 228 10.65 12.31 35.41
CA PRO A 228 10.29 10.98 34.89
C PRO A 228 9.69 10.07 35.97
N PRO A 229 8.80 9.13 35.58
CA PRO A 229 8.37 8.83 34.22
C PRO A 229 7.33 9.81 33.67
N PHE A 230 7.42 10.08 32.37
CA PHE A 230 6.49 10.97 31.69
C PHE A 230 5.32 10.21 31.09
N LEU A 231 4.11 10.66 31.41
CA LEU A 231 2.89 10.09 30.85
C LEU A 231 2.62 10.74 29.50
N TRP A 232 2.72 9.95 28.43
CA TRP A 232 2.55 10.45 27.06
C TRP A 232 1.86 9.44 26.17
N MET A 233 0.73 9.85 25.60
CA MET A 233 0.00 9.07 24.57
C MET A 233 -0.32 7.64 25.01
N GLY A 234 -0.58 7.46 26.30
CA GLY A 234 -0.91 6.15 26.86
C GLY A 234 0.31 5.34 27.26
N TYR A 235 1.47 6.00 27.26
CA TYR A 235 2.72 5.36 27.64
C TYR A 235 3.31 5.97 28.92
N GLU A 236 4.20 5.21 29.54
CA GLU A 236 4.92 5.64 30.73
C GLU A 236 6.41 5.53 30.38
N LEU A 237 7.08 6.67 30.31
CA LEU A 237 8.42 6.74 29.72
C LEU A 237 9.54 7.15 30.68
N HIS A 238 10.47 6.22 30.90
CA HIS A 238 11.72 6.51 31.59
C HIS A 238 12.79 6.71 30.51
N PRO A 239 13.92 7.36 30.86
CA PRO A 239 15.03 7.44 29.90
C PRO A 239 15.70 6.09 29.68
N ASP A 240 15.36 5.12 30.51
CA ASP A 240 16.00 3.81 30.57
C ASP A 240 15.08 2.69 30.06
N LYS A 241 13.78 2.83 30.30
CA LYS A 241 12.78 1.85 29.85
C LYS A 241 11.42 2.50 29.53
N TRP A 242 10.53 1.72 28.94
CA TRP A 242 9.17 2.18 28.65
C TRP A 242 8.16 1.09 28.95
N THR A 243 6.93 1.51 29.23
CA THR A 243 5.81 0.59 29.38
C THR A 243 4.52 1.32 29.00
N VAL A 244 3.42 0.58 28.93
CA VAL A 244 2.11 1.21 28.78
C VAL A 244 1.65 1.73 30.14
N GLN A 245 0.78 2.73 30.14
CA GLN A 245 0.22 3.27 31.38
C GLN A 245 -0.61 2.22 32.11
N PRO A 246 -0.73 2.35 33.45
CA PRO A 246 -1.42 1.37 34.29
C PRO A 246 -2.73 0.86 33.68
N ILE A 247 -2.79 -0.46 33.46
CA ILE A 247 -3.99 -1.10 32.93
C ILE A 247 -4.65 -1.96 34.01
N VAL A 248 -5.87 -1.57 34.36
CA VAL A 248 -6.63 -2.26 35.41
C VAL A 248 -7.92 -2.86 34.83
N LEU A 249 -7.97 -4.17 34.76
CA LEU A 249 -9.15 -4.89 34.30
C LEU A 249 -10.13 -5.01 35.45
N PRO A 250 -11.32 -4.39 35.32
CA PRO A 250 -12.31 -4.45 36.40
C PRO A 250 -12.83 -5.87 36.62
N GLU A 251 -13.09 -6.22 37.87
CA GLU A 251 -13.74 -7.50 38.19
C GLU A 251 -15.22 -7.27 38.43
N LYS A 252 -16.03 -7.66 37.45
CA LYS A 252 -17.45 -7.36 37.42
C LYS A 252 -18.30 -8.63 37.42
N ASP A 253 -19.50 -8.54 37.98
CA ASP A 253 -20.46 -9.63 37.95
C ASP A 253 -21.18 -9.68 36.60
N SER A 254 -21.45 -8.49 36.05
CA SER A 254 -22.15 -8.36 34.79
C SER A 254 -21.33 -7.51 33.82
N TRP A 255 -21.18 -7.98 32.59
CA TRP A 255 -20.46 -7.25 31.57
C TRP A 255 -21.40 -6.70 30.49
N THR A 256 -21.41 -5.38 30.38
CA THR A 256 -22.16 -4.71 29.32
C THR A 256 -21.29 -4.58 28.09
N VAL A 257 -21.92 -4.39 26.93
CA VAL A 257 -21.23 -4.13 25.67
C VAL A 257 -20.17 -3.04 25.82
N ASN A 258 -20.55 -1.94 26.46
CA ASN A 258 -19.63 -0.84 26.77
C ASN A 258 -18.40 -1.29 27.56
N ASP A 259 -18.62 -2.14 28.56
CA ASP A 259 -17.54 -2.66 29.42
C ASP A 259 -16.59 -3.58 28.65
N ILE A 260 -17.14 -4.38 27.74
CA ILE A 260 -16.35 -5.31 26.94
C ILE A 260 -15.55 -4.57 25.87
N GLN A 261 -16.18 -3.57 25.26
CA GLN A 261 -15.50 -2.70 24.29
C GLN A 261 -14.28 -2.03 24.92
N LYS A 262 -14.46 -1.55 26.15
CA LYS A 262 -13.37 -0.91 26.90
C LYS A 262 -12.32 -1.94 27.34
N LEU A 263 -12.76 -3.15 27.66
CA LEU A 263 -11.85 -4.26 28.03
C LEU A 263 -10.93 -4.59 26.85
N VAL A 264 -11.52 -4.83 25.69
CA VAL A 264 -10.79 -5.13 24.45
C VAL A 264 -9.79 -4.03 24.09
N GLY A 265 -10.22 -2.77 24.24
CA GLY A 265 -9.36 -1.61 24.02
C GLY A 265 -8.11 -1.62 24.89
N LYS A 266 -8.30 -1.88 26.19
CA LYS A 266 -7.19 -1.94 27.15
C LYS A 266 -6.23 -3.10 26.84
N LEU A 267 -6.79 -4.28 26.58
CA LEU A 267 -6.01 -5.46 26.25
C LEU A 267 -5.22 -5.28 24.95
N ASN A 268 -5.87 -4.70 23.93
CA ASN A 268 -5.22 -4.35 22.67
C ASN A 268 -4.04 -3.41 22.87
N TRP A 269 -4.24 -2.40 23.72
CA TRP A 269 -3.19 -1.44 24.06
C TRP A 269 -2.03 -2.11 24.80
N ALA A 270 -2.38 -2.96 25.77
CA ALA A 270 -1.40 -3.74 26.54
C ALA A 270 -0.54 -4.69 25.69
N SER A 271 -1.11 -5.19 24.60
CA SER A 271 -0.44 -6.20 23.76
C SER A 271 0.86 -5.70 23.10
N GLN A 272 1.12 -4.39 23.23
CA GLN A 272 2.35 -3.78 22.72
C GLN A 272 3.59 -4.18 23.50
N ILE A 273 3.41 -4.63 24.73
CA ILE A 273 4.54 -4.99 25.59
C ILE A 273 4.28 -6.22 26.47
N TYR A 274 3.02 -6.52 26.73
CA TYR A 274 2.64 -7.75 27.44
C TYR A 274 2.46 -8.90 26.45
N PRO A 275 3.36 -9.91 26.50
CA PRO A 275 3.34 -11.02 25.56
C PRO A 275 2.15 -11.94 25.78
N GLY A 276 1.58 -12.43 24.69
CA GLY A 276 0.55 -13.47 24.74
C GLY A 276 -0.88 -13.00 25.01
N ILE A 277 -1.10 -11.69 25.08
CA ILE A 277 -2.44 -11.13 25.24
C ILE A 277 -3.39 -11.67 24.17
N LYS A 278 -4.54 -12.15 24.59
CA LYS A 278 -5.55 -12.68 23.67
C LYS A 278 -6.84 -11.87 23.73
N VAL A 279 -7.51 -11.77 22.60
CA VAL A 279 -8.68 -10.90 22.46
C VAL A 279 -9.83 -11.53 21.69
N ARG A 280 -9.54 -12.66 21.02
CA ARG A 280 -10.47 -13.31 20.10
C ARG A 280 -11.84 -13.64 20.69
N GLN A 281 -11.87 -14.34 21.82
CA GLN A 281 -13.13 -14.78 22.42
C GLN A 281 -13.97 -13.62 22.96
N LEU A 282 -13.31 -12.61 23.51
CA LEU A 282 -13.98 -11.38 23.97
C LEU A 282 -14.58 -10.59 22.81
N CYS A 283 -13.89 -10.58 21.67
CA CYS A 283 -14.37 -9.89 20.48
C CYS A 283 -15.60 -10.56 19.86
N LYS A 284 -15.64 -11.89 19.93
CA LYS A 284 -16.79 -12.66 19.42
C LYS A 284 -18.09 -12.26 20.10
N LEU A 285 -17.99 -11.76 21.33
CA LEU A 285 -19.16 -11.33 22.10
C LEU A 285 -19.76 -10.02 21.59
N LEU A 286 -18.98 -9.30 20.79
CA LEU A 286 -19.37 -7.97 20.30
C LEU A 286 -19.91 -7.96 18.87
N ARG A 287 -20.22 -9.13 18.32
CA ARG A 287 -20.69 -9.23 16.93
C ARG A 287 -22.20 -9.06 16.80
N GLY A 288 -22.62 -8.13 15.94
CA GLY A 288 -24.04 -7.80 15.75
C GLY A 288 -24.73 -7.43 17.04
N THR A 289 -23.94 -6.94 18.00
CA THR A 289 -24.37 -6.76 19.39
C THR A 289 -25.36 -5.60 19.56
N LYS A 290 -26.11 -5.64 20.67
CA LYS A 290 -27.17 -4.65 20.93
C LYS A 290 -26.60 -3.31 21.40
N ALA A 291 -27.38 -2.60 22.21
CA ALA A 291 -26.97 -1.31 22.78
C ALA A 291 -25.81 -1.48 23.76
N LEU A 292 -25.17 -0.36 24.10
CA LEU A 292 -24.01 -0.34 25.00
C LEU A 292 -24.34 -0.77 26.42
N THR A 293 -25.60 -0.61 26.81
CA THR A 293 -26.08 -0.95 28.15
C THR A 293 -26.50 -2.42 28.27
N GLU A 294 -26.52 -3.11 27.14
CA GLU A 294 -26.93 -4.52 27.07
C GLU A 294 -25.90 -5.44 27.72
N VAL A 295 -26.35 -6.25 28.68
CA VAL A 295 -25.49 -7.21 29.36
C VAL A 295 -25.27 -8.46 28.51
N ILE A 296 -24.00 -8.78 28.29
CA ILE A 296 -23.62 -9.97 27.53
C ILE A 296 -23.04 -11.01 28.48
N PRO A 297 -23.70 -12.19 28.58
CA PRO A 297 -23.18 -13.29 29.39
C PRO A 297 -21.84 -13.77 28.82
N LEU A 298 -20.85 -13.91 29.69
CA LEU A 298 -19.53 -14.34 29.26
C LEU A 298 -19.52 -15.81 28.87
N THR A 299 -19.19 -16.06 27.60
CA THR A 299 -18.93 -17.40 27.08
C THR A 299 -17.81 -18.05 27.91
N GLU A 300 -17.87 -19.37 28.06
CA GLU A 300 -16.89 -20.11 28.84
C GLU A 300 -15.46 -19.91 28.29
N GLU A 301 -15.35 -19.85 26.97
CA GLU A 301 -14.08 -19.57 26.29
C GLU A 301 -13.60 -18.15 26.55
N ALA A 302 -14.55 -17.20 26.62
CA ALA A 302 -14.24 -15.80 26.96
C ALA A 302 -13.78 -15.65 28.40
N GLU A 303 -14.37 -16.44 29.30
CA GLU A 303 -13.95 -16.48 30.71
C GLU A 303 -12.51 -16.94 30.85
N LEU A 304 -12.16 -18.01 30.13
CA LEU A 304 -10.81 -18.57 30.14
C LEU A 304 -9.79 -17.61 29.55
N GLU A 305 -10.19 -16.91 28.48
CA GLU A 305 -9.37 -15.89 27.84
C GLU A 305 -9.12 -14.72 28.79
N LEU A 306 -10.15 -14.28 29.49
CA LEU A 306 -10.05 -13.21 30.49
C LEU A 306 -9.09 -13.63 31.60
N ALA A 307 -9.26 -14.85 32.10
CA ALA A 307 -8.41 -15.41 33.16
C ALA A 307 -6.94 -15.49 32.75
N GLU A 308 -6.69 -15.92 31.50
CA GLU A 308 -5.33 -15.95 30.96
C GLU A 308 -4.71 -14.55 30.86
N ASN A 309 -5.52 -13.58 30.45
CA ASN A 309 -5.09 -12.18 30.35
C ASN A 309 -4.76 -11.56 31.70
N ARG A 310 -5.59 -11.83 32.70
CA ARG A 310 -5.35 -11.34 34.07
C ARG A 310 -4.03 -11.86 34.61
N GLU A 311 -3.75 -13.14 34.36
CA GLU A 311 -2.50 -13.78 34.76
C GLU A 311 -1.27 -13.11 34.11
N ILE A 312 -1.41 -12.76 32.82
CA ILE A 312 -0.36 -12.07 32.08
C ILE A 312 -0.08 -10.67 32.65
N LEU A 313 -1.15 -9.94 32.95
CA LEU A 313 -1.04 -8.55 33.41
C LEU A 313 -0.74 -8.44 34.91
N LYS A 314 -0.70 -9.58 35.59
CA LYS A 314 -0.51 -9.64 37.05
C LYS A 314 0.74 -8.88 37.52
N GLU A 315 1.87 -9.16 36.88
CA GLU A 315 3.13 -8.47 37.18
C GLU A 315 3.46 -7.43 36.12
N PRO A 316 3.96 -6.24 36.54
CA PRO A 316 4.36 -5.20 35.60
C PRO A 316 5.47 -5.65 34.65
N VAL A 317 5.38 -5.23 33.39
CA VAL A 317 6.37 -5.57 32.37
C VAL A 317 6.81 -4.31 31.61
N HIS A 318 8.10 -4.19 31.38
CA HIS A 318 8.65 -3.04 30.66
C HIS A 318 9.37 -3.47 29.38
N GLY A 319 9.43 -2.55 28.42
CA GLY A 319 10.23 -2.74 27.22
C GLY A 319 11.52 -1.94 27.32
N VAL A 320 12.53 -2.37 26.55
CA VAL A 320 13.79 -1.65 26.46
C VAL A 320 13.81 -0.74 25.24
N TYR A 321 14.82 0.13 25.17
CA TYR A 321 14.98 1.02 24.03
C TYR A 321 15.88 0.43 22.95
N TYR A 322 16.01 1.16 21.85
CA TYR A 322 16.65 0.67 20.64
C TYR A 322 18.14 1.01 20.58
N ASP A 323 18.94 0.00 20.22
CA ASP A 323 20.37 0.19 19.98
C ASP A 323 20.62 0.00 18.49
N PRO A 324 20.98 1.10 17.79
CA PRO A 324 21.12 1.08 16.32
C PRO A 324 22.31 0.26 15.81
N SER A 325 23.21 -0.14 16.71
CA SER A 325 24.39 -0.91 16.32
C SER A 325 24.12 -2.42 16.28
N LYS A 326 22.95 -2.82 16.78
CA LYS A 326 22.58 -4.24 16.85
C LYS A 326 21.40 -4.58 15.93
N ASP A 327 21.35 -5.84 15.51
CA ASP A 327 20.24 -6.35 14.71
C ASP A 327 18.96 -6.48 15.52
N LEU A 328 17.83 -6.38 14.84
CA LEU A 328 16.54 -6.65 15.45
C LEU A 328 16.15 -8.11 15.19
N ILE A 329 15.63 -8.77 16.22
CA ILE A 329 15.18 -10.15 16.10
C ILE A 329 13.69 -10.21 16.37
N ALA A 330 12.94 -10.75 15.42
CA ALA A 330 11.50 -10.96 15.60
C ALA A 330 11.17 -12.45 15.64
N GLU A 331 10.48 -12.86 16.70
CA GLU A 331 10.02 -14.26 16.83
C GLU A 331 8.50 -14.28 16.80
N ILE A 332 7.94 -15.29 16.14
CA ILE A 332 6.49 -15.44 16.03
C ILE A 332 6.06 -16.82 16.52
N GLN A 333 4.95 -16.88 17.26
CA GLN A 333 4.36 -18.14 17.70
C GLN A 333 2.89 -18.19 17.32
N LYS A 334 2.41 -19.39 16.99
CA LYS A 334 0.99 -19.65 16.83
C LYS A 334 0.37 -19.86 18.21
N GLN A 335 -0.71 -19.14 18.49
CA GLN A 335 -1.41 -19.24 19.77
C GLN A 335 -2.62 -20.16 19.67
N GLY A 336 -3.16 -20.25 18.46
CA GLY A 336 -4.35 -21.06 18.19
C GLY A 336 -4.77 -20.77 16.76
N GLN A 337 -5.99 -21.15 16.43
CA GLN A 337 -6.49 -20.92 15.07
C GLN A 337 -6.74 -19.44 14.81
N GLY A 338 -6.02 -18.89 13.85
CA GLY A 338 -6.12 -17.49 13.46
C GLY A 338 -5.32 -16.54 14.33
N GLN A 339 -4.90 -17.02 15.50
CA GLN A 339 -4.19 -16.20 16.48
C GLN A 339 -2.68 -16.36 16.39
N TRP A 340 -1.99 -15.23 16.28
CA TRP A 340 -0.54 -15.21 16.21
C TRP A 340 -0.01 -14.16 17.17
N THR A 341 1.14 -14.43 17.76
CA THR A 341 1.76 -13.50 18.69
C THR A 341 3.24 -13.37 18.34
N TYR A 342 3.82 -12.21 18.65
CA TYR A 342 5.23 -11.96 18.33
C TYR A 342 5.95 -11.08 19.35
N GLN A 343 7.28 -11.17 19.35
CA GLN A 343 8.14 -10.36 20.19
C GLN A 343 9.31 -9.88 19.35
N ILE A 344 9.79 -8.67 19.63
CA ILE A 344 10.98 -8.14 18.97
C ILE A 344 12.00 -7.78 20.04
N TYR A 345 13.23 -8.27 19.87
CA TYR A 345 14.32 -7.99 20.79
C TYR A 345 15.64 -7.81 20.05
N GLN A 346 16.66 -7.34 20.77
CA GLN A 346 18.02 -7.25 20.23
C GLN A 346 18.95 -8.16 21.00
N GLU A 347 18.78 -8.20 22.31
CA GLU A 347 19.46 -9.16 23.18
C GLU A 347 18.40 -10.13 23.68
N PRO A 348 18.62 -11.45 23.45
CA PRO A 348 17.67 -12.53 23.75
C PRO A 348 16.74 -12.30 24.94
N PHE A 349 15.49 -12.03 24.60
CA PHE A 349 14.33 -12.00 25.52
C PHE A 349 14.15 -10.72 26.34
N LYS A 350 14.94 -9.70 26.01
CA LYS A 350 14.70 -8.34 26.51
C LYS A 350 13.96 -7.58 25.40
N ASN A 351 12.63 -7.68 25.43
CA ASN A 351 11.78 -7.17 24.35
C ASN A 351 11.77 -5.66 24.22
N LEU A 352 11.94 -5.17 23.00
CA LEU A 352 11.72 -3.77 22.69
C LEU A 352 10.21 -3.53 22.66
N LYS A 353 9.49 -4.48 22.06
CA LYS A 353 8.04 -4.47 22.02
C LYS A 353 7.49 -5.86 21.67
N THR A 354 6.20 -6.04 21.90
CA THR A 354 5.50 -7.25 21.48
C THR A 354 4.31 -6.85 20.60
N GLY A 355 3.55 -7.84 20.17
CA GLY A 355 2.33 -7.61 19.40
C GLY A 355 1.63 -8.89 19.03
N LYS A 356 0.51 -8.75 18.33
CA LYS A 356 -0.27 -9.88 17.86
C LYS A 356 -0.80 -9.65 16.44
N TYR A 357 -1.08 -10.76 15.75
CA TYR A 357 -1.70 -10.73 14.44
C TYR A 357 -2.87 -11.73 14.44
N ALA A 358 -3.96 -11.37 13.76
CA ALA A 358 -5.15 -12.20 13.72
C ALA A 358 -5.84 -12.20 12.36
N ARG A 359 -5.67 -11.12 11.61
CA ARG A 359 -6.40 -10.84 10.37
C ARG A 359 -6.66 -12.06 9.47
N MET A 360 -7.89 -12.17 8.98
CA MET A 360 -8.30 -13.20 8.04
C MET A 360 -8.30 -12.62 6.62
N ARG A 361 -7.19 -12.79 5.90
CA ARG A 361 -7.10 -12.37 4.51
C ARG A 361 -7.69 -13.43 3.58
N GLY A 362 -8.92 -13.20 3.13
CA GLY A 362 -9.64 -14.16 2.29
C GLY A 362 -10.50 -15.11 3.11
N ALA A 363 -11.48 -15.72 2.46
CA ALA A 363 -12.42 -16.62 3.13
C ALA A 363 -11.79 -17.95 3.56
N HIS A 364 -10.80 -18.41 2.81
CA HIS A 364 -10.15 -19.70 3.07
C HIS A 364 -8.64 -19.49 3.11
N THR A 365 -7.98 -20.11 4.09
CA THR A 365 -6.54 -19.94 4.27
C THR A 365 -5.87 -21.11 4.99
N ASN A 366 -4.54 -21.06 5.04
CA ASN A 366 -3.75 -21.99 5.85
C ASN A 366 -2.75 -21.24 6.75
N ASP A 367 -2.07 -21.98 7.63
CA ASP A 367 -1.09 -21.41 8.56
C ASP A 367 0.14 -20.84 7.87
N VAL A 368 0.53 -21.43 6.75
CA VAL A 368 1.69 -20.95 5.97
C VAL A 368 1.42 -19.54 5.43
N LYS A 369 0.23 -19.33 4.87
CA LYS A 369 -0.18 -18.01 4.37
C LYS A 369 -0.30 -16.98 5.49
N GLN A 370 -0.91 -17.39 6.61
CA GLN A 370 -1.09 -16.51 7.77
C GLN A 370 0.24 -16.09 8.38
N LEU A 371 1.18 -17.03 8.48
CA LEU A 371 2.53 -16.75 8.97
C LEU A 371 3.22 -15.69 8.11
N THR A 372 3.12 -15.84 6.79
CA THR A 372 3.75 -14.89 5.85
C THR A 372 3.12 -13.50 5.97
N GLU A 373 1.79 -13.47 6.11
CA GLU A 373 1.04 -12.25 6.37
C GLU A 373 1.49 -11.58 7.67
N ALA A 374 1.69 -12.39 8.71
CA ALA A 374 2.25 -11.90 9.98
C ALA A 374 3.65 -11.31 9.79
N VAL A 375 4.50 -12.03 9.06
CA VAL A 375 5.86 -11.56 8.74
C VAL A 375 5.86 -10.22 8.02
N GLN A 376 4.96 -10.04 7.06
CA GLN A 376 4.91 -8.83 6.27
C GLN A 376 4.40 -7.64 7.10
N LYS A 377 3.44 -7.92 7.99
CA LYS A 377 2.94 -6.96 8.95
C LYS A 377 4.06 -6.45 9.88
N ILE A 378 4.88 -7.38 10.38
CA ILE A 378 5.98 -7.03 11.28
C ILE A 378 7.11 -6.31 10.52
N THR A 379 7.34 -6.72 9.27
CA THR A 379 8.33 -6.08 8.41
C THR A 379 8.02 -4.59 8.19
N THR A 380 6.75 -4.29 7.91
CA THR A 380 6.30 -2.90 7.69
C THR A 380 6.43 -2.09 8.97
N GLU A 381 5.97 -2.66 10.09
CA GLU A 381 6.09 -2.07 11.42
C GLU A 381 7.54 -1.72 11.76
N SER A 382 8.46 -2.65 11.47
CA SER A 382 9.88 -2.49 11.75
C SER A 382 10.53 -1.35 10.99
N ILE A 383 10.17 -1.20 9.72
CA ILE A 383 10.70 -0.11 8.89
C ILE A 383 10.20 1.24 9.41
N VAL A 384 8.93 1.32 9.77
CA VAL A 384 8.37 2.51 10.41
C VAL A 384 9.09 2.88 11.71
N ILE A 385 9.27 1.88 12.58
CA ILE A 385 9.82 2.13 13.92
C ILE A 385 11.35 2.27 13.94
N TRP A 386 12.05 1.43 13.18
CA TRP A 386 13.53 1.37 13.27
C TRP A 386 14.26 1.67 11.97
N GLY A 387 13.52 1.80 10.87
CA GLY A 387 14.11 2.06 9.56
C GLY A 387 14.84 0.88 8.96
N LYS A 388 14.63 -0.31 9.52
CA LYS A 388 15.22 -1.55 8.99
C LYS A 388 14.36 -2.78 9.30
N THR A 389 14.62 -3.87 8.59
CA THR A 389 13.88 -5.11 8.77
C THR A 389 14.55 -5.97 9.86
N PRO A 390 13.75 -6.75 10.61
CA PRO A 390 14.38 -7.65 11.57
C PRO A 390 14.78 -8.99 10.95
N LYS A 391 15.66 -9.72 11.62
CA LYS A 391 15.89 -11.13 11.31
C LYS A 391 14.78 -11.92 12.00
N PHE A 392 14.13 -12.80 11.26
CA PHE A 392 12.99 -13.55 11.81
C PHE A 392 13.37 -14.93 12.34
N LYS A 393 12.63 -15.38 13.35
CA LYS A 393 12.70 -16.75 13.81
C LYS A 393 11.28 -17.32 13.82
N LEU A 394 11.07 -18.29 12.94
CA LEU A 394 9.71 -18.75 12.62
C LEU A 394 9.50 -20.23 12.93
N PRO A 395 8.29 -20.59 13.38
CA PRO A 395 7.96 -21.97 13.70
C PRO A 395 7.54 -22.78 12.47
N ILE A 396 8.37 -22.73 11.43
CA ILE A 396 8.13 -23.45 10.18
C ILE A 396 9.48 -23.94 9.64
N GLN A 397 9.53 -25.20 9.20
CA GLN A 397 10.74 -25.75 8.59
C GLN A 397 11.02 -25.06 7.25
N LYS A 398 12.30 -24.87 6.94
CA LYS A 398 12.72 -24.31 5.65
C LYS A 398 12.13 -25.09 4.48
N GLU A 399 12.04 -26.41 4.64
CA GLU A 399 11.49 -27.32 3.63
C GLU A 399 10.00 -27.05 3.38
N THR A 400 9.22 -26.96 4.46
CA THR A 400 7.79 -26.65 4.38
C THR A 400 7.57 -25.32 3.66
N TRP A 401 8.33 -24.30 4.07
CA TRP A 401 8.28 -22.98 3.45
C TRP A 401 8.68 -23.04 1.97
N GLU A 402 9.78 -23.74 1.70
CA GLU A 402 10.31 -23.94 0.34
C GLU A 402 9.28 -24.54 -0.60
N THR A 403 8.66 -25.64 -0.15
CA THR A 403 7.66 -26.36 -0.93
C THR A 403 6.46 -25.46 -1.27
N TRP A 404 5.93 -24.78 -0.25
CA TRP A 404 4.77 -23.92 -0.44
C TRP A 404 5.03 -22.78 -1.43
N TRP A 405 6.10 -22.01 -1.22
CA TRP A 405 6.38 -20.81 -2.02
C TRP A 405 6.57 -21.14 -3.50
N THR A 406 7.32 -22.20 -3.77
CA THR A 406 7.66 -22.61 -5.13
C THR A 406 6.42 -23.00 -5.94
N GLU A 407 5.48 -23.69 -5.30
CA GLU A 407 4.31 -24.24 -6.00
C GLU A 407 3.11 -23.29 -6.06
N TYR A 408 3.10 -22.28 -5.20
CA TYR A 408 1.97 -21.34 -5.12
C TYR A 408 2.02 -20.28 -6.23
N TRP A 409 0.86 -19.85 -6.69
CA TRP A 409 0.75 -18.90 -7.82
C TRP A 409 1.22 -17.48 -7.49
N GLN A 410 1.21 -17.14 -6.19
CA GLN A 410 1.52 -15.79 -5.74
C GLN A 410 3.00 -15.62 -5.42
N ALA A 411 3.52 -14.43 -5.74
CA ALA A 411 4.89 -14.06 -5.41
C ALA A 411 5.00 -13.61 -3.95
N THR A 412 6.12 -13.94 -3.32
CA THR A 412 6.42 -13.44 -1.97
C THR A 412 7.92 -13.38 -1.72
N TRP A 413 8.29 -12.66 -0.66
CA TRP A 413 9.66 -12.62 -0.18
C TRP A 413 9.68 -12.33 1.31
N ILE A 414 10.19 -13.28 2.08
CA ILE A 414 10.42 -13.08 3.50
C ILE A 414 11.90 -12.75 3.70
N PRO A 415 12.18 -11.63 4.40
CA PRO A 415 13.56 -11.29 4.78
C PRO A 415 14.21 -12.42 5.60
N GLU A 416 15.53 -12.38 5.70
CA GLU A 416 16.32 -13.39 6.43
C GLU A 416 15.58 -13.98 7.64
N TRP A 417 15.44 -15.31 7.65
CA TRP A 417 14.76 -15.99 8.74
C TRP A 417 15.37 -17.36 9.05
N GLU A 418 15.17 -17.82 10.29
CA GLU A 418 15.62 -19.13 10.74
C GLU A 418 14.46 -19.90 11.32
N PHE A 419 14.50 -21.22 11.19
CA PHE A 419 13.55 -22.10 11.86
C PHE A 419 13.84 -22.13 13.35
N VAL A 420 12.78 -22.13 14.15
CA VAL A 420 12.89 -22.29 15.60
C VAL A 420 11.84 -23.28 16.09
N ASN A 421 12.28 -24.29 16.83
CA ASN A 421 11.40 -25.35 17.30
C ASN A 421 10.54 -24.92 18.49
N THR A 422 9.50 -24.13 18.19
CA THR A 422 8.54 -23.70 19.21
C THR A 422 7.13 -24.12 18.78
N PRO A 423 6.71 -25.34 19.18
CA PRO A 423 5.38 -25.86 18.85
C PRO A 423 4.24 -24.92 19.25
N PRO A 424 3.12 -24.93 18.49
CA PRO A 424 2.91 -25.77 17.31
C PRO A 424 3.67 -25.28 16.08
N LEU A 425 4.27 -26.23 15.36
CA LEU A 425 4.97 -25.92 14.12
C LEU A 425 3.97 -25.76 12.98
N VAL A 426 4.31 -24.92 12.02
CA VAL A 426 3.46 -24.66 10.86
C VAL A 426 3.68 -25.76 9.81
N LYS A 427 2.57 -26.35 9.37
CA LYS A 427 2.59 -27.39 8.35
C LYS A 427 1.33 -27.39 7.49
N LEU A 428 1.40 -28.06 6.34
CA LEU A 428 0.23 -28.33 5.51
C LEU A 428 -0.36 -29.69 5.91
N TRP A 429 -1.68 -29.77 5.98
CA TRP A 429 -2.36 -30.96 6.52
C TRP A 429 -2.71 -32.02 5.47
N TYR A 430 -2.58 -31.67 4.20
CA TYR A 430 -2.77 -32.58 3.08
C TYR A 430 -2.12 -32.00 1.84
N GLN A 431 -2.05 -32.79 0.77
CA GLN A 431 -1.56 -32.31 -0.52
C GLN A 431 -2.26 -33.03 -1.67
N LEU A 432 -2.41 -32.34 -2.78
CA LEU A 432 -3.04 -32.89 -3.98
C LEU A 432 -2.01 -33.55 -4.89
N GLU A 433 -2.40 -34.68 -5.48
CA GLU A 433 -1.55 -35.44 -6.40
C GLU A 433 -1.26 -34.65 -7.67
N LYS A 434 -0.07 -34.88 -8.24
CA LYS A 434 0.32 -34.27 -9.50
C LYS A 434 -0.18 -35.11 -10.67
N GLU A 435 -0.41 -36.40 -10.40
CA GLU A 435 -0.81 -37.37 -11.41
C GLU A 435 -2.03 -38.19 -10.95
N PRO A 436 -2.93 -38.52 -11.90
CA PRO A 436 -4.10 -39.36 -11.60
C PRO A 436 -3.70 -40.70 -10.99
N ILE A 437 -4.53 -41.20 -10.08
CA ILE A 437 -4.21 -42.41 -9.32
C ILE A 437 -4.65 -43.68 -10.04
N VAL A 438 -3.74 -44.65 -10.14
CA VAL A 438 -4.03 -45.95 -10.75
C VAL A 438 -4.75 -46.84 -9.75
N GLY A 439 -5.90 -47.37 -10.15
CA GLY A 439 -6.67 -48.28 -9.31
C GLY A 439 -7.56 -47.58 -8.30
N ALA A 440 -7.77 -46.28 -8.50
CA ALA A 440 -8.69 -45.51 -7.67
C ALA A 440 -9.91 -45.11 -8.50
N GLU A 441 -11.08 -45.12 -7.85
CA GLU A 441 -12.33 -44.76 -8.50
C GLU A 441 -12.32 -43.29 -8.92
N THR A 442 -12.74 -43.05 -10.16
CA THR A 442 -12.83 -41.70 -10.70
C THR A 442 -14.26 -41.17 -10.56
N PHE A 443 -14.40 -40.08 -9.79
CA PHE A 443 -15.68 -39.41 -9.59
C PHE A 443 -15.79 -38.18 -10.48
N TYR A 444 -16.88 -38.10 -11.24
CA TYR A 444 -17.21 -36.90 -11.99
C TYR A 444 -18.30 -36.15 -11.23
N VAL A 445 -18.03 -34.90 -10.89
CA VAL A 445 -18.95 -34.13 -10.04
C VAL A 445 -19.52 -32.89 -10.73
N ASP A 446 -20.71 -32.49 -10.29
CA ASP A 446 -21.34 -31.26 -10.77
C ASP A 446 -22.46 -30.83 -9.83
N GLY A 447 -22.73 -29.53 -9.82
CA GLY A 447 -23.85 -28.97 -9.09
C GLY A 447 -24.71 -28.12 -10.01
N ALA A 448 -25.93 -27.83 -9.57
CA ALA A 448 -26.83 -26.96 -10.30
C ALA A 448 -27.73 -26.24 -9.30
N ALA A 449 -27.92 -24.94 -9.52
CA ALA A 449 -28.77 -24.15 -8.64
C ALA A 449 -29.74 -23.29 -9.43
N ASN A 450 -30.96 -23.20 -8.91
CA ASN A 450 -31.99 -22.33 -9.45
C ASN A 450 -31.97 -21.03 -8.66
N ARG A 451 -31.75 -19.91 -9.34
CA ARG A 451 -31.61 -18.62 -8.63
C ARG A 451 -32.93 -18.00 -8.17
N GLU A 452 -34.04 -18.46 -8.74
CA GLU A 452 -35.37 -18.00 -8.33
C GLU A 452 -35.73 -18.59 -6.97
N THR A 453 -35.65 -19.92 -6.87
CA THR A 453 -36.11 -20.66 -5.70
C THR A 453 -34.98 -20.96 -4.71
N LYS A 454 -33.74 -20.75 -5.15
CA LYS A 454 -32.54 -21.09 -4.38
C LYS A 454 -32.39 -22.59 -4.10
N LEU A 455 -33.15 -23.40 -4.83
CA LEU A 455 -33.09 -24.86 -4.73
C LEU A 455 -32.03 -25.40 -5.66
N GLY A 456 -31.35 -26.47 -5.26
CA GLY A 456 -30.31 -27.06 -6.07
C GLY A 456 -30.05 -28.54 -5.84
N LYS A 457 -29.19 -29.11 -6.68
CA LYS A 457 -28.80 -30.51 -6.60
C LYS A 457 -27.28 -30.65 -6.73
N ALA A 458 -26.72 -31.56 -5.94
CA ALA A 458 -25.31 -31.92 -6.05
C ALA A 458 -25.18 -33.44 -6.14
N GLY A 459 -24.28 -33.90 -7.01
CA GLY A 459 -24.10 -35.33 -7.19
C GLY A 459 -22.84 -35.74 -7.93
N TYR A 460 -22.74 -37.05 -8.19
CA TYR A 460 -21.60 -37.62 -8.92
C TYR A 460 -22.00 -38.84 -9.77
N VAL A 461 -21.17 -39.11 -10.78
CA VAL A 461 -21.17 -40.38 -11.50
C VAL A 461 -19.73 -40.87 -11.52
N THR A 462 -19.53 -42.19 -11.43
CA THR A 462 -18.17 -42.75 -11.38
C THR A 462 -17.89 -43.71 -12.53
N ASN A 463 -16.61 -44.03 -12.73
CA ASN A 463 -16.17 -44.97 -13.76
C ASN A 463 -16.62 -46.41 -13.45
N ARG A 464 -17.02 -46.64 -12.20
CA ARG A 464 -17.49 -47.94 -11.74
C ARG A 464 -19.02 -48.00 -11.69
N GLY A 465 -19.65 -47.06 -12.38
CA GLY A 465 -21.10 -47.01 -12.52
C GLY A 465 -21.88 -46.61 -11.29
N ARG A 466 -21.18 -46.02 -10.31
CA ARG A 466 -21.83 -45.54 -9.11
C ARG A 466 -22.43 -44.16 -9.37
N GLN A 467 -23.42 -43.78 -8.55
CA GLN A 467 -24.24 -42.61 -8.83
C GLN A 467 -24.92 -42.12 -7.55
N LYS A 468 -25.11 -40.81 -7.44
CA LYS A 468 -25.81 -40.19 -6.31
C LYS A 468 -26.19 -38.75 -6.60
N VAL A 469 -27.37 -38.34 -6.13
CA VAL A 469 -27.83 -36.95 -6.20
C VAL A 469 -28.43 -36.56 -4.86
N VAL A 470 -28.07 -35.38 -4.37
CA VAL A 470 -28.64 -34.85 -3.12
C VAL A 470 -29.26 -33.47 -3.38
N THR A 471 -30.50 -33.29 -2.93
CA THR A 471 -31.22 -32.03 -3.07
C THR A 471 -30.85 -31.06 -1.95
N LEU A 472 -30.74 -29.78 -2.31
CA LEU A 472 -30.38 -28.71 -1.39
C LEU A 472 -31.41 -27.58 -1.51
N THR A 473 -31.62 -26.83 -0.43
CA THR A 473 -32.79 -25.92 -0.35
C THR A 473 -32.49 -24.42 -0.45
N ASP A 474 -31.50 -23.93 0.28
CA ASP A 474 -31.14 -22.51 0.21
C ASP A 474 -29.69 -22.40 -0.24
N THR A 475 -29.48 -22.63 -1.53
CA THR A 475 -28.14 -22.85 -2.06
C THR A 475 -27.79 -21.92 -3.22
N THR A 476 -26.53 -21.96 -3.63
CA THR A 476 -26.03 -21.20 -4.77
C THR A 476 -25.26 -22.14 -5.70
N ASN A 477 -24.92 -21.67 -6.90
CA ASN A 477 -24.12 -22.46 -7.84
C ASN A 477 -22.83 -22.95 -7.20
N GLN A 478 -22.11 -22.03 -6.56
CA GLN A 478 -20.82 -22.30 -5.93
C GLN A 478 -20.92 -23.34 -4.82
N LYS A 479 -21.96 -23.23 -4.00
CA LYS A 479 -22.20 -24.16 -2.90
C LYS A 479 -22.47 -25.59 -3.38
N THR A 480 -23.23 -25.71 -4.47
CA THR A 480 -23.57 -27.03 -5.04
C THR A 480 -22.33 -27.74 -5.61
N GLU A 481 -21.39 -26.97 -6.15
CA GLU A 481 -20.14 -27.52 -6.67
C GLU A 481 -19.26 -28.04 -5.55
N LEU A 482 -19.21 -27.31 -4.43
CA LEU A 482 -18.53 -27.74 -3.22
C LEU A 482 -19.21 -28.95 -2.58
N GLN A 483 -20.54 -28.93 -2.57
CA GLN A 483 -21.35 -30.03 -2.04
C GLN A 483 -21.09 -31.32 -2.81
N ALA A 484 -21.08 -31.22 -4.14
CA ALA A 484 -20.80 -32.34 -5.04
C ALA A 484 -19.42 -32.96 -4.76
N ILE A 485 -18.41 -32.11 -4.62
CA ILE A 485 -17.05 -32.53 -4.28
C ILE A 485 -17.02 -33.22 -2.90
N TYR A 486 -17.76 -32.65 -1.95
CA TYR A 486 -17.88 -33.23 -0.61
C TYR A 486 -18.54 -34.61 -0.63
N LEU A 487 -19.56 -34.79 -1.47
CA LEU A 487 -20.21 -36.08 -1.66
C LEU A 487 -19.23 -37.14 -2.16
N ALA A 488 -18.47 -36.77 -3.19
CA ALA A 488 -17.48 -37.64 -3.80
C ALA A 488 -16.41 -38.09 -2.82
N LEU A 489 -16.02 -37.19 -1.90
CA LEU A 489 -15.05 -37.51 -0.86
C LEU A 489 -15.63 -38.46 0.20
N GLN A 490 -16.90 -38.24 0.57
CA GLN A 490 -17.58 -39.06 1.58
C GLN A 490 -17.71 -40.54 1.20
N ASP A 491 -18.01 -40.79 -0.08
CA ASP A 491 -18.38 -42.12 -0.55
C ASP A 491 -17.26 -42.84 -1.30
N SER A 492 -16.05 -42.29 -1.27
CA SER A 492 -15.00 -42.70 -2.19
C SER A 492 -13.99 -43.73 -1.68
N GLY A 493 -13.57 -43.59 -0.42
CA GLY A 493 -12.48 -44.40 0.10
C GLY A 493 -11.14 -43.69 0.05
N LEU A 494 -10.09 -44.36 0.50
CA LEU A 494 -8.77 -43.74 0.76
C LEU A 494 -8.08 -43.06 -0.43
N GLU A 495 -8.25 -43.61 -1.63
CA GLU A 495 -7.67 -43.03 -2.84
C GLU A 495 -8.77 -42.68 -3.83
N VAL A 496 -8.72 -41.46 -4.38
CA VAL A 496 -9.78 -40.95 -5.25
C VAL A 496 -9.28 -40.05 -6.37
N ASN A 497 -9.86 -40.21 -7.56
CA ASN A 497 -9.75 -39.23 -8.62
C ASN A 497 -11.06 -38.47 -8.71
N ILE A 498 -10.99 -37.14 -8.59
CA ILE A 498 -12.18 -36.30 -8.68
C ILE A 498 -12.04 -35.28 -9.82
N VAL A 499 -13.01 -35.26 -10.71
CA VAL A 499 -13.03 -34.28 -11.79
C VAL A 499 -14.22 -33.32 -11.69
N THR A 500 -13.90 -32.03 -11.62
CA THR A 500 -14.89 -30.97 -11.47
C THR A 500 -14.84 -30.02 -12.68
N ASP A 501 -15.94 -29.31 -12.92
CA ASP A 501 -15.93 -28.23 -13.92
C ASP A 501 -15.97 -26.85 -13.25
N SER A 502 -15.75 -26.84 -11.94
CA SER A 502 -15.76 -25.62 -11.15
C SER A 502 -14.33 -25.13 -10.90
N GLN A 503 -13.95 -24.04 -11.56
CA GLN A 503 -12.66 -23.39 -11.33
C GLN A 503 -12.60 -22.77 -9.93
N TYR A 504 -13.75 -22.28 -9.47
CA TYR A 504 -13.89 -21.75 -8.12
C TYR A 504 -13.50 -22.80 -7.08
N ALA A 505 -14.11 -23.99 -7.17
CA ALA A 505 -13.81 -25.08 -6.26
C ALA A 505 -12.36 -25.54 -6.36
N LEU A 506 -11.86 -25.65 -7.60
CA LEU A 506 -10.48 -26.04 -7.87
C LEU A 506 -9.52 -25.09 -7.16
N GLY A 507 -9.72 -23.79 -7.38
CA GLY A 507 -8.86 -22.74 -6.82
C GLY A 507 -8.73 -22.81 -5.31
N ILE A 508 -9.87 -22.96 -4.62
CA ILE A 508 -9.88 -23.07 -3.16
C ILE A 508 -9.05 -24.26 -2.68
N ILE A 509 -9.33 -25.45 -3.22
CA ILE A 509 -8.72 -26.70 -2.77
C ILE A 509 -7.22 -26.79 -3.10
N GLN A 510 -6.83 -26.29 -4.27
CA GLN A 510 -5.42 -26.29 -4.68
C GLN A 510 -4.50 -25.46 -3.77
N ALA A 511 -5.07 -24.50 -3.06
CA ALA A 511 -4.32 -23.62 -2.15
C ALA A 511 -4.15 -24.24 -0.75
N GLN A 512 -4.49 -25.53 -0.64
CA GLN A 512 -4.36 -26.31 0.60
C GLN A 512 -4.85 -25.58 1.86
N PRO A 513 -6.12 -25.13 1.89
CA PRO A 513 -6.62 -24.47 3.09
C PRO A 513 -6.81 -25.43 4.26
N ASP A 514 -6.56 -24.95 5.48
CA ASP A 514 -6.81 -25.73 6.69
C ASP A 514 -7.91 -25.13 7.56
N GLN A 515 -8.35 -23.93 7.19
CA GLN A 515 -9.45 -23.25 7.87
C GLN A 515 -10.23 -22.36 6.91
N SER A 516 -11.52 -22.17 7.20
CA SER A 516 -12.42 -21.45 6.31
C SER A 516 -13.60 -20.82 7.06
N GLU A 517 -14.13 -19.75 6.49
CA GLU A 517 -15.35 -19.12 7.02
C GLU A 517 -16.59 -19.96 6.69
N SER A 518 -16.46 -20.84 5.70
CA SER A 518 -17.51 -21.79 5.33
C SER A 518 -17.35 -23.12 6.06
N GLU A 519 -18.46 -23.60 6.63
CA GLU A 519 -18.48 -24.91 7.28
C GLU A 519 -18.36 -26.05 6.27
N LEU A 520 -18.93 -25.83 5.08
CA LEU A 520 -18.86 -26.81 3.99
C LEU A 520 -17.41 -27.07 3.54
N VAL A 521 -16.64 -26.00 3.42
CA VAL A 521 -15.21 -26.09 3.06
C VAL A 521 -14.43 -26.79 4.18
N ASN A 522 -14.79 -26.50 5.43
CA ASN A 522 -14.20 -27.17 6.59
C ASN A 522 -14.52 -28.65 6.64
N GLN A 523 -15.70 -29.03 6.16
CA GLN A 523 -16.09 -30.43 6.00
C GLN A 523 -15.29 -31.10 4.88
N ILE A 524 -15.00 -30.34 3.82
CA ILE A 524 -14.14 -30.83 2.73
C ILE A 524 -12.70 -31.02 3.20
N ILE A 525 -12.19 -30.03 3.93
CA ILE A 525 -10.84 -30.09 4.51
C ILE A 525 -10.67 -31.32 5.42
N GLU A 526 -11.67 -31.59 6.25
CA GLU A 526 -11.66 -32.73 7.16
C GLU A 526 -11.57 -34.07 6.40
N GLN A 527 -12.25 -34.15 5.25
CA GLN A 527 -12.24 -35.35 4.41
C GLN A 527 -10.92 -35.51 3.65
N LEU A 528 -10.33 -34.39 3.23
CA LEU A 528 -9.06 -34.41 2.49
C LEU A 528 -7.88 -34.90 3.33
N ILE A 529 -7.93 -34.60 4.63
CA ILE A 529 -6.91 -35.03 5.57
C ILE A 529 -7.01 -36.53 5.85
N LYS A 530 -8.24 -37.04 5.91
CA LYS A 530 -8.52 -38.46 6.14
C LYS A 530 -8.04 -39.34 4.98
N LYS A 531 -8.02 -38.75 3.79
CA LYS A 531 -7.61 -39.45 2.57
C LYS A 531 -6.12 -39.77 2.51
N GLU A 532 -5.79 -40.72 1.65
CA GLU A 532 -4.41 -41.16 1.43
C GLU A 532 -3.85 -40.42 0.22
N LYS A 533 -4.62 -40.45 -0.87
CA LYS A 533 -4.24 -39.79 -2.13
C LYS A 533 -5.49 -39.19 -2.78
N VAL A 534 -5.40 -37.91 -3.17
CA VAL A 534 -6.48 -37.24 -3.89
C VAL A 534 -5.96 -36.52 -5.12
N TYR A 535 -6.52 -36.86 -6.28
CA TYR A 535 -6.25 -36.11 -7.50
C TYR A 535 -7.48 -35.33 -7.94
N LEU A 536 -7.34 -34.01 -8.01
CA LEU A 536 -8.43 -33.14 -8.43
C LEU A 536 -8.09 -32.48 -9.76
N ALA A 537 -8.90 -32.80 -10.77
CA ALA A 537 -8.71 -32.27 -12.12
C ALA A 537 -9.89 -31.41 -12.54
N TRP A 538 -9.65 -30.53 -13.51
CA TRP A 538 -10.69 -29.66 -14.05
C TRP A 538 -10.94 -29.92 -15.53
N VAL A 539 -12.22 -29.84 -15.92
CA VAL A 539 -12.63 -29.90 -17.32
C VAL A 539 -13.64 -28.77 -17.58
N PRO A 540 -13.67 -28.25 -18.82
CA PRO A 540 -14.70 -27.25 -19.14
C PRO A 540 -16.11 -27.84 -19.13
N ALA A 541 -17.08 -27.02 -18.73
CA ALA A 541 -18.48 -27.45 -18.66
C ALA A 541 -19.15 -27.39 -20.02
N HIS A 542 -19.96 -28.42 -20.30
CA HIS A 542 -20.72 -28.54 -21.55
C HIS A 542 -19.87 -28.57 -22.81
N LYS A 543 -18.97 -29.54 -22.86
CA LYS A 543 -18.15 -29.80 -24.05
C LYS A 543 -18.21 -31.27 -24.44
N GLY A 544 -19.30 -31.94 -24.04
CA GLY A 544 -19.52 -33.34 -24.37
C GLY A 544 -18.49 -34.29 -23.76
N ILE A 545 -17.90 -33.88 -22.64
CA ILE A 545 -16.92 -34.69 -21.94
C ILE A 545 -17.63 -35.77 -21.14
N GLY A 546 -17.32 -37.03 -21.47
CA GLY A 546 -17.99 -38.23 -20.96
C GLY A 546 -18.72 -38.14 -19.65
N GLY A 547 -18.00 -38.36 -18.55
CA GLY A 547 -18.58 -38.36 -17.21
C GLY A 547 -19.21 -37.04 -16.80
N ASN A 548 -18.58 -35.95 -17.23
CA ASN A 548 -19.05 -34.59 -16.92
C ASN A 548 -20.46 -34.30 -17.44
N GLU A 549 -20.75 -34.74 -18.67
CA GLU A 549 -22.08 -34.59 -19.26
C GLU A 549 -23.12 -35.40 -18.48
N GLN A 550 -22.70 -36.54 -17.94
CA GLN A 550 -23.57 -37.44 -17.17
C GLN A 550 -24.01 -36.87 -15.82
N VAL A 551 -23.11 -36.20 -15.12
CA VAL A 551 -23.49 -35.52 -13.86
C VAL A 551 -24.35 -34.30 -14.10
N ASP A 552 -24.03 -33.57 -15.18
CA ASP A 552 -24.75 -32.35 -15.52
C ASP A 552 -26.25 -32.59 -15.74
N LYS A 553 -26.58 -33.59 -16.55
CA LYS A 553 -27.98 -33.96 -16.81
C LYS A 553 -28.66 -34.43 -15.52
N LEU A 554 -27.91 -35.15 -14.70
CA LEU A 554 -28.37 -35.70 -13.44
C LEU A 554 -28.74 -34.62 -12.43
N VAL A 555 -27.88 -33.61 -12.29
CA VAL A 555 -28.07 -32.54 -11.30
C VAL A 555 -28.93 -31.36 -11.80
N SER A 556 -29.00 -31.20 -13.12
CA SER A 556 -29.80 -30.12 -13.72
C SER A 556 -31.28 -30.49 -13.85
N ALA A 557 -31.58 -31.78 -13.71
CA ALA A 557 -32.95 -32.27 -13.81
C ALA A 557 -33.84 -31.70 -12.70
N GLY A 558 -34.80 -30.88 -13.11
CA GLY A 558 -35.72 -30.23 -12.17
C GLY A 558 -35.19 -28.93 -11.59
N ILE A 559 -33.98 -28.55 -12.03
CA ILE A 559 -33.33 -27.34 -11.53
C ILE A 559 -33.26 -26.27 -12.62
N ARG A 560 -32.69 -26.63 -13.78
CA ARG A 560 -32.61 -25.71 -14.93
C ARG A 560 -33.02 -26.41 -16.23
N GLU B 9 11.54 32.95 -19.30
CA GLU B 9 10.06 32.82 -19.25
C GLU B 9 9.62 31.38 -18.96
N THR B 10 8.45 31.24 -18.36
CA THR B 10 7.87 29.93 -18.05
C THR B 10 6.54 29.73 -18.75
N VAL B 11 6.29 28.51 -19.21
CA VAL B 11 5.01 28.17 -19.82
C VAL B 11 3.98 27.79 -18.74
N PRO B 12 2.84 28.50 -18.71
CA PRO B 12 1.78 28.29 -17.72
C PRO B 12 1.19 26.88 -17.80
N VAL B 13 1.14 26.20 -16.65
CA VAL B 13 0.56 24.87 -16.56
C VAL B 13 -0.66 24.90 -15.64
N LYS B 14 -1.74 24.26 -16.07
CA LYS B 14 -2.97 24.17 -15.27
C LYS B 14 -3.45 22.73 -15.15
N LEU B 15 -4.17 22.47 -14.05
CA LEU B 15 -4.74 21.15 -13.79
C LEU B 15 -6.03 20.96 -14.60
N LYS B 16 -6.44 19.70 -14.73
CA LYS B 16 -7.74 19.38 -15.34
C LYS B 16 -8.86 20.08 -14.57
N PRO B 17 -9.77 20.77 -15.29
CA PRO B 17 -10.85 21.55 -14.68
C PRO B 17 -11.60 20.82 -13.56
N GLY B 18 -11.82 21.51 -12.45
CA GLY B 18 -12.59 20.98 -11.32
C GLY B 18 -11.81 20.14 -10.31
N MET B 19 -10.51 19.97 -10.54
CA MET B 19 -9.66 19.20 -9.61
C MET B 19 -8.37 19.95 -9.25
N ASP B 20 -7.86 19.70 -8.04
CA ASP B 20 -6.59 20.27 -7.63
C ASP B 20 -5.50 19.21 -7.42
N GLY B 21 -4.39 19.61 -6.81
CA GLY B 21 -3.17 18.81 -6.75
C GLY B 21 -3.22 17.49 -6.00
N PRO B 22 -2.12 16.71 -6.09
CA PRO B 22 -2.04 15.41 -5.46
C PRO B 22 -1.83 15.49 -3.95
N LYS B 23 -2.50 14.61 -3.21
CA LYS B 23 -2.35 14.53 -1.76
C LYS B 23 -2.08 13.07 -1.39
N VAL B 24 -0.97 12.56 -1.91
CA VAL B 24 -0.59 11.16 -1.73
C VAL B 24 0.36 11.01 -0.55
N LYS B 25 0.10 10.00 0.28
CA LYS B 25 0.87 9.75 1.49
C LYS B 25 2.27 9.22 1.16
N GLN B 26 3.26 9.74 1.89
CA GLN B 26 4.63 9.24 1.79
C GLN B 26 4.75 7.88 2.46
N TRP B 27 5.28 6.91 1.72
CA TRP B 27 5.48 5.55 2.21
C TRP B 27 6.69 5.50 3.15
N PRO B 28 6.69 4.53 4.10
CA PRO B 28 7.82 4.34 5.00
C PRO B 28 9.09 3.95 4.25
N LEU B 29 10.18 4.63 4.57
CA LEU B 29 11.47 4.40 3.94
C LEU B 29 12.46 3.84 4.96
N THR B 30 13.41 3.05 4.48
CA THR B 30 14.49 2.53 5.32
C THR B 30 15.46 3.65 5.70
N GLU B 31 16.33 3.34 6.65
CA GLU B 31 17.34 4.28 7.16
C GLU B 31 18.29 4.78 6.07
N GLU B 32 18.81 3.87 5.26
CA GLU B 32 19.81 4.20 4.24
C GLU B 32 19.24 5.05 3.10
N LYS B 33 17.98 4.85 2.79
CA LYS B 33 17.32 5.59 1.71
C LYS B 33 16.93 7.01 2.12
N ILE B 34 16.55 7.17 3.39
CA ILE B 34 16.29 8.50 3.95
C ILE B 34 17.56 9.35 3.91
N LYS B 35 18.66 8.79 4.44
CA LYS B 35 19.96 9.45 4.44
C LYS B 35 20.44 9.81 3.04
N ALA B 36 20.22 8.90 2.09
CA ALA B 36 20.56 9.12 0.69
C ALA B 36 19.76 10.30 0.12
N LEU B 37 18.46 10.33 0.41
CA LEU B 37 17.58 11.41 -0.03
C LEU B 37 17.95 12.76 0.56
N VAL B 38 18.34 12.77 1.84
CA VAL B 38 18.75 13.99 2.53
C VAL B 38 19.97 14.62 1.86
N GLU B 39 20.95 13.77 1.52
CA GLU B 39 22.15 14.21 0.80
C GLU B 39 21.84 14.76 -0.59
N ILE B 40 20.99 14.03 -1.33
CA ILE B 40 20.57 14.42 -2.68
C ILE B 40 19.82 15.75 -2.68
N CYS B 41 18.87 15.89 -1.76
CA CYS B 41 18.00 17.06 -1.70
C CYS B 41 18.69 18.32 -1.13
N THR B 42 19.63 18.12 -0.21
CA THR B 42 20.43 19.22 0.32
C THR B 42 21.26 19.85 -0.81
N GLU B 43 21.78 19.00 -1.68
CA GLU B 43 22.58 19.42 -2.84
C GLU B 43 21.74 20.14 -3.90
N MET B 44 20.54 19.62 -4.17
CA MET B 44 19.61 20.22 -5.12
C MET B 44 19.11 21.58 -4.63
N GLU B 45 18.93 21.69 -3.31
CA GLU B 45 18.48 22.92 -2.66
C GLU B 45 19.53 24.01 -2.81
N LYS B 46 20.80 23.64 -2.60
CA LYS B 46 21.92 24.56 -2.77
C LYS B 46 22.04 25.06 -4.21
N GLU B 47 21.64 24.21 -5.15
CA GLU B 47 21.69 24.53 -6.58
C GLU B 47 20.43 25.23 -7.07
N GLY B 48 19.46 25.42 -6.17
CA GLY B 48 18.24 26.17 -6.47
C GLY B 48 17.14 25.40 -7.17
N LYS B 49 17.36 24.10 -7.37
CA LYS B 49 16.41 23.24 -8.09
C LYS B 49 15.14 23.00 -7.29
N ILE B 50 15.28 22.90 -5.97
CA ILE B 50 14.17 22.75 -5.04
C ILE B 50 14.30 23.73 -3.87
N SER B 51 13.18 24.09 -3.26
CA SER B 51 13.16 24.95 -2.08
C SER B 51 12.31 24.37 -0.97
N LYS B 52 12.73 24.59 0.28
CA LYS B 52 11.94 24.20 1.45
C LYS B 52 10.61 24.94 1.45
N ILE B 53 9.56 24.30 1.96
CA ILE B 53 8.22 24.88 1.95
C ILE B 53 7.56 24.88 3.32
N GLY B 54 6.55 25.74 3.48
CA GLY B 54 5.80 25.85 4.71
C GLY B 54 4.53 25.00 4.71
N PRO B 55 3.79 25.01 5.83
CA PRO B 55 2.60 24.18 6.00
C PRO B 55 1.38 24.66 5.22
N GLU B 56 1.49 25.82 4.58
CA GLU B 56 0.41 26.34 3.73
C GLU B 56 0.33 25.59 2.39
N ASN B 57 1.29 24.70 2.17
CA ASN B 57 1.24 23.76 1.05
C ASN B 57 0.69 22.42 1.53
N PRO B 58 -0.58 22.12 1.17
CA PRO B 58 -1.21 20.90 1.64
C PRO B 58 -0.98 19.67 0.75
N TYR B 59 -0.13 19.83 -0.28
CA TYR B 59 0.05 18.79 -1.28
C TYR B 59 1.23 17.87 -1.00
N ASN B 60 1.15 16.65 -1.51
CA ASN B 60 2.25 15.70 -1.41
C ASN B 60 2.28 14.66 -2.50
N THR B 61 3.51 14.35 -2.92
CA THR B 61 3.81 13.29 -3.87
C THR B 61 4.88 12.40 -3.23
N PRO B 62 4.74 11.06 -3.32
CA PRO B 62 5.72 10.18 -2.69
C PRO B 62 7.10 10.26 -3.34
N VAL B 63 8.13 10.02 -2.55
CA VAL B 63 9.51 10.01 -3.03
C VAL B 63 10.22 8.73 -2.58
N PHE B 64 11.07 8.19 -3.45
CA PHE B 64 11.84 6.98 -3.17
C PHE B 64 13.30 7.17 -3.59
N ALA B 65 14.16 6.27 -3.10
CA ALA B 65 15.54 6.19 -3.55
C ALA B 65 15.79 4.84 -4.22
N ILE B 66 16.32 4.88 -5.44
CA ILE B 66 16.67 3.67 -6.19
C ILE B 66 18.14 3.67 -6.62
N LYS B 67 18.58 2.55 -7.18
CA LYS B 67 19.93 2.43 -7.75
C LYS B 67 19.85 2.08 -9.23
N THR B 72 25.81 2.12 -8.76
CA THR B 72 26.07 2.10 -7.32
C THR B 72 25.65 3.43 -6.66
N LYS B 73 25.43 4.44 -7.49
CA LYS B 73 25.03 5.77 -7.01
C LYS B 73 23.54 5.78 -6.68
N TRP B 74 23.22 6.31 -5.49
CA TRP B 74 21.83 6.52 -5.10
C TRP B 74 21.19 7.58 -5.99
N ARG B 75 19.93 7.34 -6.39
CA ARG B 75 19.18 8.37 -7.09
C ARG B 75 17.75 8.51 -6.59
N LYS B 76 17.24 9.73 -6.66
CA LYS B 76 15.90 10.05 -6.22
C LYS B 76 14.87 9.66 -7.28
N LEU B 77 13.83 8.97 -6.84
CA LEU B 77 12.69 8.67 -7.71
C LEU B 77 11.41 9.26 -7.13
N VAL B 78 10.90 10.29 -7.78
CA VAL B 78 9.64 10.90 -7.37
C VAL B 78 8.49 10.22 -8.11
N ASP B 79 7.48 9.80 -7.35
CA ASP B 79 6.33 9.09 -7.89
C ASP B 79 5.23 10.09 -8.27
N PHE B 80 5.31 10.59 -9.51
CA PHE B 80 4.36 11.59 -10.01
C PHE B 80 3.11 11.01 -10.69
N ARG B 81 2.86 9.71 -10.49
CA ARG B 81 1.69 9.06 -11.10
C ARG B 81 0.38 9.83 -10.90
N GLU B 82 0.17 10.36 -9.70
CA GLU B 82 -1.04 11.12 -9.40
C GLU B 82 -1.07 12.49 -10.08
N LEU B 83 0.05 13.23 -9.99
CA LEU B 83 0.17 14.53 -10.64
C LEU B 83 0.00 14.38 -12.15
N ASN B 84 0.56 13.32 -12.71
CA ASN B 84 0.45 13.01 -14.14
C ASN B 84 -1.00 12.75 -14.58
N LYS B 85 -1.78 12.11 -13.71
CA LYS B 85 -3.21 11.87 -13.97
C LYS B 85 -3.98 13.20 -13.97
N ARG B 86 -3.57 14.11 -13.09
CA ARG B 86 -4.26 15.37 -12.89
C ARG B 86 -3.78 16.46 -13.84
N THR B 87 -2.82 16.12 -14.70
CA THR B 87 -2.28 17.04 -15.70
C THR B 87 -2.34 16.45 -17.12
N GLN B 88 -3.12 15.39 -17.29
CA GLN B 88 -3.17 14.63 -18.55
C GLN B 88 -3.50 15.49 -19.79
N ASP B 89 -4.43 16.43 -19.64
CA ASP B 89 -4.81 17.32 -20.74
C ASP B 89 -3.62 18.15 -21.24
N PHE B 90 -2.69 18.46 -20.33
CA PHE B 90 -1.51 19.24 -20.64
C PHE B 90 -0.50 18.46 -21.50
N TRP B 91 0.01 17.34 -20.98
CA TRP B 91 1.08 16.60 -21.64
C TRP B 91 0.63 15.67 -22.78
N GLU B 92 -0.67 15.44 -22.89
CA GLU B 92 -1.20 14.57 -23.94
C GLU B 92 -1.90 15.32 -25.07
N VAL B 93 -2.87 16.17 -24.72
CA VAL B 93 -3.65 16.92 -25.71
C VAL B 93 -3.51 18.45 -25.57
N GLN B 94 -2.26 18.89 -25.46
CA GLN B 94 -1.92 20.32 -25.42
C GLN B 94 -0.47 20.46 -25.88
N LEU B 95 0.39 19.60 -25.34
CA LEU B 95 1.79 19.53 -25.75
C LEU B 95 2.23 18.07 -25.95
N GLY B 96 1.39 17.29 -26.62
CA GLY B 96 1.64 15.86 -26.84
C GLY B 96 2.85 15.55 -27.70
N ILE B 97 3.55 14.48 -27.33
CA ILE B 97 4.72 14.02 -28.07
C ILE B 97 4.35 12.79 -28.91
N PRO B 98 4.49 12.90 -30.24
CA PRO B 98 4.11 11.83 -31.16
C PRO B 98 5.01 10.59 -31.03
N HIS B 99 4.40 9.42 -31.23
CA HIS B 99 5.11 8.14 -31.15
C HIS B 99 5.29 7.52 -32.55
N PRO B 100 6.55 7.23 -32.92
CA PRO B 100 6.87 6.64 -34.23
C PRO B 100 6.63 5.14 -34.30
N ALA B 101 6.02 4.70 -35.40
CA ALA B 101 5.71 3.28 -35.62
C ALA B 101 6.93 2.46 -36.05
N GLY B 102 7.99 3.17 -36.44
CA GLY B 102 9.23 2.53 -36.91
C GLY B 102 10.11 1.95 -35.81
N LEU B 103 9.94 2.45 -34.58
CA LEU B 103 10.81 2.07 -33.45
C LEU B 103 10.80 0.58 -33.14
N LYS B 104 9.60 -0.02 -33.17
CA LYS B 104 9.45 -1.45 -32.88
C LYS B 104 10.01 -2.36 -33.98
N LYS B 105 10.23 -1.80 -35.17
CA LYS B 105 10.77 -2.54 -36.30
C LYS B 105 12.30 -2.61 -36.26
N ASN B 106 12.93 -1.61 -35.65
CA ASN B 106 14.40 -1.49 -35.62
C ASN B 106 15.15 -2.72 -35.12
N LYS B 107 16.35 -2.92 -35.67
CA LYS B 107 17.22 -4.02 -35.25
C LYS B 107 17.79 -3.78 -33.85
N SER B 108 18.07 -2.51 -33.54
CA SER B 108 18.59 -2.12 -32.24
C SER B 108 17.96 -0.82 -31.75
N VAL B 109 17.58 -0.79 -30.47
CA VAL B 109 17.08 0.42 -29.83
C VAL B 109 17.82 0.66 -28.51
N THR B 110 18.44 1.83 -28.40
CA THR B 110 19.20 2.20 -27.20
C THR B 110 18.44 3.22 -26.36
N VAL B 111 18.37 2.96 -25.06
CA VAL B 111 17.68 3.82 -24.12
C VAL B 111 18.69 4.68 -23.36
N LEU B 112 18.57 6.00 -23.48
CA LEU B 112 19.46 6.93 -22.80
C LEU B 112 18.69 7.81 -21.82
N ASP B 113 19.20 7.90 -20.59
CA ASP B 113 18.62 8.76 -19.56
C ASP B 113 18.96 10.21 -19.89
N VAL B 114 17.91 11.03 -20.04
CA VAL B 114 18.07 12.40 -20.49
C VAL B 114 17.45 13.40 -19.48
N GLY B 115 17.08 12.88 -18.31
CA GLY B 115 16.39 13.65 -17.27
C GLY B 115 17.11 14.86 -16.72
N ASP B 116 18.45 14.84 -16.75
CA ASP B 116 19.28 15.96 -16.29
C ASP B 116 19.05 17.26 -17.06
N ALA B 117 18.48 17.15 -18.26
CA ALA B 117 18.15 18.30 -19.09
C ALA B 117 17.13 19.23 -18.43
N TYR B 118 16.19 18.63 -17.69
CA TYR B 118 15.02 19.34 -17.19
C TYR B 118 15.29 20.41 -16.14
N PHE B 119 16.36 20.23 -15.35
CA PHE B 119 16.67 21.20 -14.29
C PHE B 119 17.20 22.56 -14.78
N SER B 120 17.40 22.69 -16.09
CA SER B 120 17.85 23.95 -16.68
C SER B 120 16.68 24.84 -17.09
N VAL B 121 15.47 24.29 -17.03
CA VAL B 121 14.26 25.01 -17.39
C VAL B 121 13.41 25.28 -16.15
N PRO B 122 13.12 26.57 -15.87
CA PRO B 122 12.29 26.95 -14.72
C PRO B 122 10.85 26.47 -14.84
N LEU B 123 10.26 26.13 -13.69
CA LEU B 123 8.87 25.69 -13.61
C LEU B 123 7.97 26.92 -13.36
N ASP B 124 6.77 26.90 -13.93
CA ASP B 124 5.79 27.97 -13.74
C ASP B 124 5.48 28.17 -12.25
N GLU B 125 5.61 29.43 -11.82
CA GLU B 125 5.46 29.84 -10.42
C GLU B 125 4.21 29.29 -9.72
N ASP B 126 3.07 29.37 -10.40
CA ASP B 126 1.78 28.98 -9.84
C ASP B 126 1.55 27.46 -9.82
N PHE B 127 2.49 26.70 -10.39
CA PHE B 127 2.39 25.25 -10.46
C PHE B 127 3.33 24.55 -9.47
N ARG B 128 4.37 25.26 -9.06
CA ARG B 128 5.42 24.70 -8.20
C ARG B 128 4.91 24.01 -6.94
N LYS B 129 3.77 24.49 -6.42
CA LYS B 129 3.19 23.95 -5.18
C LYS B 129 2.70 22.51 -5.31
N TYR B 130 2.30 22.12 -6.52
CA TYR B 130 1.80 20.77 -6.78
C TYR B 130 2.90 19.70 -6.83
N THR B 131 4.15 20.14 -6.89
CA THR B 131 5.29 19.23 -6.95
C THR B 131 5.87 18.94 -5.56
N ALA B 132 5.11 19.30 -4.53
CA ALA B 132 5.54 19.13 -3.14
C ALA B 132 5.80 17.66 -2.78
N PHE B 133 6.89 17.43 -2.05
CA PHE B 133 7.23 16.11 -1.55
C PHE B 133 7.87 16.17 -0.16
N THR B 134 7.95 15.02 0.49
CA THR B 134 8.43 14.92 1.87
C THR B 134 9.49 13.86 2.01
N ILE B 135 10.58 14.21 2.69
CA ILE B 135 11.54 13.22 3.17
C ILE B 135 11.16 12.92 4.62
N PRO B 136 10.67 11.70 4.89
CA PRO B 136 10.25 11.36 6.25
C PRO B 136 11.42 11.06 7.17
N SER B 137 11.13 10.97 8.47
CA SER B 137 12.10 10.56 9.46
C SER B 137 11.72 9.21 10.00
N ILE B 138 12.71 8.46 10.49
CA ILE B 138 12.47 7.16 11.13
C ILE B 138 11.70 7.39 12.42
N ASN B 139 10.67 6.55 12.63
CA ASN B 139 9.83 6.59 13.84
C ASN B 139 9.16 7.94 14.11
N ASN B 140 8.94 8.71 13.04
CA ASN B 140 8.29 10.02 13.14
C ASN B 140 8.91 10.89 14.25
N GLU B 141 10.22 10.75 14.43
CA GLU B 141 10.97 11.45 15.50
C GLU B 141 11.04 12.95 15.27
N THR B 142 11.15 13.34 14.01
CA THR B 142 11.21 14.74 13.60
C THR B 142 10.22 14.97 12.46
N PRO B 143 9.69 16.19 12.32
CA PRO B 143 8.82 16.49 11.19
C PRO B 143 9.52 16.22 9.86
N GLY B 144 8.77 15.74 8.88
CA GLY B 144 9.31 15.49 7.54
C GLY B 144 9.89 16.75 6.93
N ILE B 145 10.97 16.57 6.15
CA ILE B 145 11.57 17.66 5.41
C ILE B 145 10.78 17.88 4.12
N ARG B 146 10.22 19.06 3.97
CA ARG B 146 9.29 19.38 2.88
C ARG B 146 9.93 20.25 1.81
N TYR B 147 9.73 19.88 0.54
CA TYR B 147 10.25 20.64 -0.59
C TYR B 147 9.22 20.77 -1.71
N GLN B 148 9.45 21.75 -2.60
CA GLN B 148 8.78 21.81 -3.89
C GLN B 148 9.83 22.10 -4.97
N TYR B 149 9.48 21.85 -6.23
CA TYR B 149 10.39 22.08 -7.35
C TYR B 149 10.33 23.51 -7.87
N ASN B 150 11.48 24.04 -8.26
CA ASN B 150 11.58 25.33 -8.92
C ASN B 150 11.79 25.14 -10.42
N VAL B 151 12.18 23.92 -10.79
CA VAL B 151 12.49 23.57 -12.17
C VAL B 151 11.65 22.36 -12.62
N LEU B 152 11.65 22.08 -13.91
CA LEU B 152 10.98 20.89 -14.44
C LEU B 152 11.53 19.66 -13.73
N PRO B 153 10.64 18.91 -13.03
CA PRO B 153 11.09 17.74 -12.29
C PRO B 153 11.15 16.48 -13.14
N GLN B 154 12.05 15.58 -12.77
CA GLN B 154 12.12 14.25 -13.36
C GLN B 154 10.92 13.43 -12.88
N GLY B 155 10.29 12.71 -13.81
CA GLY B 155 9.14 11.86 -13.47
C GLY B 155 7.80 12.49 -13.79
N TRP B 156 7.79 13.82 -14.00
CA TRP B 156 6.57 14.51 -14.39
C TRP B 156 6.45 14.54 -15.91
N LYS B 157 5.30 14.08 -16.42
CA LYS B 157 5.07 13.97 -17.86
C LYS B 157 4.97 15.34 -18.55
N GLY B 158 4.78 16.38 -17.76
CA GLY B 158 4.79 17.75 -18.28
C GLY B 158 6.17 18.24 -18.67
N SER B 159 7.21 17.63 -18.08
CA SER B 159 8.60 18.03 -18.33
C SER B 159 9.09 17.79 -19.77
N PRO B 160 8.95 16.55 -20.30
CA PRO B 160 9.30 16.36 -21.72
C PRO B 160 8.36 17.09 -22.69
N ALA B 161 7.15 17.39 -22.23
CA ALA B 161 6.18 18.15 -23.02
C ALA B 161 6.65 19.60 -23.20
N ILE B 162 7.20 20.17 -22.14
CA ILE B 162 7.70 21.55 -22.15
C ILE B 162 9.08 21.65 -22.82
N PHE B 163 9.95 20.68 -22.52
CA PHE B 163 11.31 20.66 -23.07
C PHE B 163 11.34 20.26 -24.56
N GLN B 164 10.20 19.82 -25.07
CA GLN B 164 10.04 19.32 -26.44
C GLN B 164 10.77 20.15 -27.50
N SER B 165 10.51 21.46 -27.52
CA SER B 165 11.10 22.36 -28.52
C SER B 165 12.62 22.52 -28.36
N SER B 166 13.10 22.45 -27.12
CA SER B 166 14.52 22.53 -26.83
C SER B 166 15.25 21.25 -27.25
N MET B 167 14.59 20.10 -27.06
CA MET B 167 15.15 18.80 -27.48
C MET B 167 15.26 18.70 -29.00
N THR B 168 14.25 19.21 -29.70
CA THR B 168 14.23 19.24 -31.17
C THR B 168 15.44 20.00 -31.71
N LYS B 169 15.70 21.17 -31.12
CA LYS B 169 16.87 21.99 -31.44
C LYS B 169 18.19 21.27 -31.18
N ILE B 170 18.26 20.54 -30.07
CA ILE B 170 19.45 19.76 -29.70
C ILE B 170 19.73 18.62 -30.70
N LEU B 171 18.69 17.92 -31.12
CA LEU B 171 18.83 16.74 -31.97
C LEU B 171 18.86 17.05 -33.47
N GLU B 172 18.50 18.28 -33.83
CA GLU B 172 18.41 18.70 -35.24
C GLU B 172 19.63 18.32 -36.10
N PRO B 173 20.86 18.72 -35.69
CA PRO B 173 22.03 18.36 -36.51
C PRO B 173 22.21 16.86 -36.66
N PHE B 174 22.05 16.11 -35.57
CA PHE B 174 22.20 14.65 -35.59
C PHE B 174 21.14 13.97 -36.45
N ARG B 175 19.90 14.46 -36.39
CA ARG B 175 18.80 13.92 -37.18
C ARG B 175 18.97 14.20 -38.67
N LYS B 176 19.43 15.41 -38.99
CA LYS B 176 19.75 15.79 -40.37
C LYS B 176 20.82 14.88 -40.96
N GLN B 177 21.89 14.65 -40.18
CA GLN B 177 23.02 13.84 -40.62
C GLN B 177 22.70 12.34 -40.67
N ASN B 178 21.71 11.92 -39.88
CA ASN B 178 21.30 10.52 -39.79
C ASN B 178 19.79 10.35 -39.94
N PRO B 179 19.28 10.46 -41.19
CA PRO B 179 17.83 10.46 -41.43
C PRO B 179 17.14 9.13 -41.10
N ASP B 180 17.90 8.03 -41.16
CA ASP B 180 17.34 6.70 -40.91
C ASP B 180 17.58 6.22 -39.48
N ILE B 181 17.72 7.16 -38.56
CA ILE B 181 17.78 6.84 -37.13
C ILE B 181 16.57 7.44 -36.43
N VAL B 182 15.80 6.59 -35.77
CA VAL B 182 14.58 6.99 -35.07
C VAL B 182 14.90 7.38 -33.63
N ILE B 183 14.57 8.61 -33.26
CA ILE B 183 14.73 9.07 -31.88
C ILE B 183 13.37 9.43 -31.29
N TYR B 184 13.04 8.78 -30.18
CA TYR B 184 11.76 8.96 -29.50
C TYR B 184 11.98 9.31 -28.03
N GLN B 185 11.28 10.35 -27.57
CA GLN B 185 11.33 10.72 -26.16
C GLN B 185 10.09 10.23 -25.43
N TYR B 186 10.32 9.47 -24.35
CA TYR B 186 9.26 9.14 -23.41
C TYR B 186 9.73 9.44 -21.99
N MET B 187 9.07 10.40 -21.35
CA MET B 187 9.41 10.87 -20.01
C MET B 187 10.89 11.27 -19.89
N ASP B 188 11.64 10.63 -18.99
CA ASP B 188 13.05 10.97 -18.77
C ASP B 188 14.03 10.31 -19.75
N ASP B 189 13.52 9.45 -20.64
CA ASP B 189 14.39 8.64 -21.50
C ASP B 189 14.32 9.01 -22.97
N LEU B 190 15.42 8.74 -23.67
CA LEU B 190 15.48 8.89 -25.11
C LEU B 190 15.68 7.50 -25.72
N TYR B 191 14.81 7.15 -26.66
CA TYR B 191 14.84 5.85 -27.34
C TYR B 191 15.38 6.01 -28.75
N VAL B 192 16.53 5.40 -29.02
CA VAL B 192 17.23 5.62 -30.27
C VAL B 192 17.37 4.32 -31.06
N GLY B 193 16.67 4.24 -32.19
CA GLY B 193 16.63 3.02 -32.99
C GLY B 193 17.27 3.13 -34.36
N SER B 194 17.94 2.07 -34.77
CA SER B 194 18.52 1.98 -36.12
C SER B 194 18.53 0.54 -36.61
N ASP B 195 18.75 0.36 -37.91
CA ASP B 195 18.91 -0.95 -38.53
C ASP B 195 20.37 -1.22 -38.88
N LEU B 196 21.27 -0.43 -38.32
CA LEU B 196 22.70 -0.58 -38.55
C LEU B 196 23.26 -1.80 -37.81
N GLU B 197 24.41 -2.28 -38.27
CA GLU B 197 25.18 -3.29 -37.57
C GLU B 197 25.51 -2.77 -36.17
N ILE B 198 25.54 -3.67 -35.19
CA ILE B 198 25.69 -3.29 -33.77
C ILE B 198 26.86 -2.33 -33.46
N GLY B 199 28.01 -2.60 -34.07
CA GLY B 199 29.18 -1.73 -33.91
C GLY B 199 28.94 -0.33 -34.44
N GLN B 200 28.26 -0.24 -35.58
CA GLN B 200 27.92 1.05 -36.18
C GLN B 200 26.82 1.77 -35.39
N HIS B 201 25.87 1.00 -34.87
CA HIS B 201 24.82 1.55 -34.00
C HIS B 201 25.42 2.18 -32.75
N ARG B 202 26.32 1.45 -32.09
CA ARG B 202 26.95 1.90 -30.86
C ARG B 202 27.86 3.11 -31.07
N THR B 203 28.47 3.18 -32.27
CA THR B 203 29.26 4.33 -32.68
C THR B 203 28.39 5.58 -32.87
N LYS B 204 27.17 5.37 -33.36
CA LYS B 204 26.21 6.46 -33.55
C LYS B 204 25.62 6.96 -32.24
N ILE B 205 25.46 6.05 -31.27
CA ILE B 205 24.99 6.40 -29.93
C ILE B 205 26.03 7.30 -29.23
N GLU B 206 27.30 6.89 -29.29
CA GLU B 206 28.39 7.69 -28.75
C GLU B 206 28.41 9.08 -29.38
N GLU B 207 28.22 9.12 -30.71
CA GLU B 207 28.10 10.37 -31.46
C GLU B 207 26.97 11.24 -30.90
N LEU B 208 25.81 10.62 -30.65
CA LEU B 208 24.64 11.31 -30.09
C LEU B 208 24.92 11.85 -28.68
N ARG B 209 25.60 11.07 -27.86
CA ARG B 209 25.99 11.48 -26.51
C ARG B 209 26.83 12.76 -26.51
N GLN B 210 27.67 12.91 -27.53
CA GLN B 210 28.52 14.10 -27.68
C GLN B 210 27.70 15.36 -27.97
N HIS B 211 26.66 15.23 -28.79
CA HIS B 211 25.72 16.32 -29.04
C HIS B 211 25.03 16.74 -27.75
N LEU B 212 24.54 15.75 -27.00
CA LEU B 212 23.85 15.97 -25.72
C LEU B 212 24.75 16.62 -24.68
N LEU B 213 26.02 16.21 -24.68
CA LEU B 213 27.03 16.74 -23.75
C LEU B 213 27.22 18.25 -23.87
N ARG B 214 27.15 18.77 -25.11
CA ARG B 214 27.28 20.19 -25.38
C ARG B 214 26.11 21.02 -24.82
N TRP B 215 25.01 20.33 -24.48
CA TRP B 215 23.87 20.94 -23.81
C TRP B 215 23.77 20.54 -22.34
N GLY B 216 24.76 19.78 -21.86
CA GLY B 216 24.80 19.36 -20.46
C GLY B 216 24.33 17.94 -20.22
N LEU B 217 23.21 17.58 -20.85
CA LEU B 217 22.59 16.26 -20.69
C LEU B 217 23.53 15.11 -21.05
N THR B 218 23.38 13.98 -20.36
CA THR B 218 24.29 12.84 -20.50
C THR B 218 23.51 11.54 -20.70
N GLY B 234 24.21 2.75 -23.72
CA GLY B 234 23.26 2.63 -22.61
C GLY B 234 22.57 1.29 -22.59
N TYR B 235 21.28 1.31 -22.24
CA TYR B 235 20.45 0.11 -22.20
C TYR B 235 20.03 -0.28 -23.62
N GLU B 236 20.30 -1.53 -24.00
CA GLU B 236 20.22 -1.98 -25.39
C GLU B 236 19.11 -2.99 -25.66
N LEU B 237 18.22 -2.66 -26.60
CA LEU B 237 17.08 -3.50 -26.96
C LEU B 237 17.14 -3.94 -28.43
N HIS B 238 16.49 -5.07 -28.73
CA HIS B 238 16.41 -5.57 -30.11
C HIS B 238 14.96 -5.97 -30.46
N PRO B 239 14.11 -4.98 -30.76
CA PRO B 239 12.67 -5.18 -30.95
C PRO B 239 12.26 -6.02 -32.15
N ASP B 240 13.10 -6.07 -33.18
CA ASP B 240 12.81 -6.88 -34.37
C ASP B 240 12.80 -8.38 -34.08
N LYS B 241 13.43 -8.76 -32.98
CA LYS B 241 13.49 -10.15 -32.54
C LYS B 241 12.42 -10.47 -31.49
N TRP B 242 11.53 -9.52 -31.21
CA TRP B 242 10.37 -9.77 -30.37
C TRP B 242 9.28 -10.46 -31.18
N THR B 243 9.19 -11.78 -31.03
CA THR B 243 8.20 -12.58 -31.73
C THR B 243 7.17 -13.15 -30.76
N VAL B 244 6.02 -13.58 -31.31
CA VAL B 244 4.89 -14.07 -30.53
C VAL B 244 5.23 -15.20 -29.55
N GLN B 245 4.51 -15.23 -28.43
CA GLN B 245 4.56 -16.37 -27.51
C GLN B 245 3.31 -17.22 -27.75
N PRO B 246 3.45 -18.29 -28.55
CA PRO B 246 2.30 -19.10 -28.93
C PRO B 246 1.88 -20.05 -27.81
N ILE B 247 0.57 -20.28 -27.70
CA ILE B 247 0.04 -21.33 -26.84
C ILE B 247 0.48 -22.67 -27.44
N VAL B 248 1.20 -23.46 -26.65
CA VAL B 248 1.80 -24.69 -27.15
C VAL B 248 0.96 -25.92 -26.79
N LEU B 249 0.54 -26.66 -27.82
CA LEU B 249 -0.15 -27.93 -27.65
C LEU B 249 0.87 -29.07 -27.70
N PRO B 250 0.78 -30.01 -26.74
CA PRO B 250 1.79 -31.06 -26.61
C PRO B 250 1.78 -32.09 -27.75
N GLU B 251 2.97 -32.39 -28.26
CA GLU B 251 3.17 -33.56 -29.13
C GLU B 251 3.38 -34.77 -28.23
N LYS B 252 2.41 -35.68 -28.22
CA LYS B 252 2.48 -36.86 -27.35
C LYS B 252 2.14 -38.14 -28.10
N ASP B 253 2.86 -39.21 -27.75
CA ASP B 253 2.58 -40.54 -28.25
C ASP B 253 2.14 -41.40 -27.08
N SER B 254 0.94 -41.98 -27.19
CA SER B 254 0.26 -42.68 -26.08
C SER B 254 -0.35 -41.70 -25.09
N TRP B 255 -1.65 -41.45 -25.26
CA TRP B 255 -2.40 -40.52 -24.41
C TRP B 255 -3.29 -41.26 -23.42
N THR B 256 -3.41 -40.72 -22.21
CA THR B 256 -4.35 -41.24 -21.22
C THR B 256 -5.61 -40.35 -21.19
N VAL B 257 -6.66 -40.82 -20.53
CA VAL B 257 -7.92 -40.07 -20.42
C VAL B 257 -7.70 -38.69 -19.81
N ASN B 258 -6.89 -38.62 -18.75
CA ASN B 258 -6.52 -37.37 -18.10
C ASN B 258 -5.79 -36.40 -19.02
N ASP B 259 -4.91 -36.92 -19.87
CA ASP B 259 -4.15 -36.12 -20.84
C ASP B 259 -5.04 -35.42 -21.85
N ILE B 260 -6.06 -36.13 -22.32
CA ILE B 260 -6.99 -35.58 -23.32
C ILE B 260 -7.92 -34.54 -22.71
N GLN B 261 -8.34 -34.78 -21.47
CA GLN B 261 -9.13 -33.81 -20.70
C GLN B 261 -8.39 -32.49 -20.50
N LYS B 262 -7.12 -32.59 -20.13
CA LYS B 262 -6.23 -31.44 -19.99
C LYS B 262 -6.03 -30.74 -21.33
N LEU B 263 -6.03 -31.53 -22.41
CA LEU B 263 -5.82 -31.02 -23.76
C LEU B 263 -7.04 -30.28 -24.30
N VAL B 264 -8.23 -30.84 -24.10
CA VAL B 264 -9.48 -30.20 -24.56
C VAL B 264 -9.81 -28.94 -23.76
N GLY B 265 -9.41 -28.93 -22.49
CA GLY B 265 -9.59 -27.76 -21.63
C GLY B 265 -8.71 -26.60 -22.06
N LYS B 266 -7.50 -26.92 -22.50
CA LYS B 266 -6.55 -25.93 -23.02
C LYS B 266 -7.04 -25.38 -24.36
N LEU B 267 -7.59 -26.26 -25.19
CA LEU B 267 -8.12 -25.87 -26.50
C LEU B 267 -9.42 -25.07 -26.40
N ASN B 268 -10.28 -25.45 -25.45
CA ASN B 268 -11.54 -24.74 -25.20
C ASN B 268 -11.33 -23.26 -24.89
N TRP B 269 -10.36 -22.97 -24.02
CA TRP B 269 -10.03 -21.60 -23.67
C TRP B 269 -9.26 -20.89 -24.79
N ALA B 270 -8.46 -21.66 -25.53
CA ALA B 270 -7.71 -21.13 -26.68
C ALA B 270 -8.64 -20.59 -27.77
N SER B 271 -9.83 -21.19 -27.88
CA SER B 271 -10.81 -20.80 -28.90
C SER B 271 -11.50 -19.47 -28.59
N GLN B 272 -11.41 -19.03 -27.33
CA GLN B 272 -11.97 -17.74 -26.91
C GLN B 272 -11.17 -16.56 -27.45
N ILE B 273 -9.88 -16.77 -27.68
CA ILE B 273 -9.00 -15.72 -28.19
C ILE B 273 -8.71 -15.88 -29.70
N TYR B 274 -8.53 -17.13 -30.14
CA TYR B 274 -8.27 -17.41 -31.54
C TYR B 274 -9.55 -17.78 -32.31
N PRO B 275 -9.84 -17.06 -33.40
CA PRO B 275 -11.07 -17.27 -34.17
C PRO B 275 -10.97 -18.48 -35.09
N GLY B 276 -11.56 -19.60 -34.68
CA GLY B 276 -11.64 -20.79 -35.52
C GLY B 276 -10.97 -22.04 -34.98
N ILE B 277 -10.95 -22.18 -33.66
CA ILE B 277 -10.37 -23.37 -33.01
C ILE B 277 -11.46 -24.39 -32.73
N LYS B 278 -11.27 -25.61 -33.24
CA LYS B 278 -12.23 -26.70 -33.06
C LYS B 278 -11.68 -27.81 -32.17
N VAL B 279 -12.58 -28.45 -31.43
CA VAL B 279 -12.21 -29.46 -30.44
C VAL B 279 -13.23 -30.62 -30.41
N ARG B 280 -14.18 -30.59 -31.35
CA ARG B 280 -15.29 -31.55 -31.40
C ARG B 280 -14.84 -33.01 -31.56
N GLN B 281 -13.79 -33.23 -32.34
CA GLN B 281 -13.28 -34.57 -32.62
C GLN B 281 -12.55 -35.20 -31.44
N LEU B 282 -11.86 -34.37 -30.65
CA LEU B 282 -11.14 -34.82 -29.47
C LEU B 282 -12.07 -35.29 -28.36
N CYS B 283 -13.25 -34.68 -28.26
CA CYS B 283 -14.23 -34.99 -27.22
C CYS B 283 -14.91 -36.34 -27.42
N LYS B 284 -14.96 -36.80 -28.67
CA LYS B 284 -15.55 -38.09 -29.02
C LYS B 284 -14.81 -39.26 -28.37
N LEU B 285 -13.51 -39.05 -28.11
CA LEU B 285 -12.68 -40.03 -27.43
C LEU B 285 -13.09 -40.18 -25.96
N LEU B 286 -13.60 -39.09 -25.39
CA LEU B 286 -14.08 -39.08 -24.01
C LEU B 286 -15.60 -39.14 -23.98
N ARG B 287 -16.14 -40.36 -24.13
CA ARG B 287 -17.58 -40.59 -24.06
C ARG B 287 -17.88 -41.77 -23.15
N GLY B 288 -18.77 -41.52 -22.18
CA GLY B 288 -19.00 -42.47 -21.09
C GLY B 288 -18.10 -42.14 -19.92
N THR B 289 -18.38 -42.72 -18.76
CA THR B 289 -17.61 -42.44 -17.55
C THR B 289 -16.37 -43.36 -17.47
N LYS B 290 -15.23 -42.83 -17.90
CA LYS B 290 -13.98 -43.60 -17.94
C LYS B 290 -12.99 -43.18 -16.86
N ALA B 291 -12.16 -44.13 -16.44
CA ALA B 291 -11.07 -43.88 -15.49
C ALA B 291 -9.99 -43.03 -16.14
N LEU B 292 -9.39 -42.14 -15.35
CA LEU B 292 -8.39 -41.19 -15.85
C LEU B 292 -7.10 -41.84 -16.31
N THR B 293 -6.71 -42.93 -15.64
CA THR B 293 -5.45 -43.62 -15.93
C THR B 293 -5.56 -44.63 -17.08
N GLU B 294 -6.75 -44.77 -17.64
CA GLU B 294 -6.98 -45.66 -18.78
C GLU B 294 -6.39 -45.05 -20.05
N VAL B 295 -5.40 -45.75 -20.61
CA VAL B 295 -4.73 -45.32 -21.83
C VAL B 295 -5.63 -45.65 -23.02
N ILE B 296 -6.00 -44.63 -23.79
CA ILE B 296 -6.82 -44.84 -24.99
C ILE B 296 -6.09 -44.36 -26.25
N PRO B 297 -6.10 -45.19 -27.31
CA PRO B 297 -5.50 -44.79 -28.58
C PRO B 297 -6.37 -43.77 -29.33
N LEU B 298 -5.73 -42.75 -29.90
CA LEU B 298 -6.43 -41.75 -30.69
C LEU B 298 -6.86 -42.29 -32.05
N THR B 299 -7.87 -41.63 -32.63
CA THR B 299 -8.29 -41.93 -34.00
C THR B 299 -7.32 -41.26 -34.97
N GLU B 300 -7.85 -40.54 -35.95
CA GLU B 300 -7.03 -39.73 -36.86
C GLU B 300 -7.85 -38.54 -37.38
N GLU B 301 -9.14 -38.53 -37.03
CA GLU B 301 -10.05 -37.44 -37.36
C GLU B 301 -9.74 -36.20 -36.54
N ALA B 302 -9.09 -36.40 -35.39
CA ALA B 302 -8.71 -35.32 -34.48
C ALA B 302 -7.44 -34.60 -34.91
N GLU B 303 -6.64 -35.26 -35.75
CA GLU B 303 -5.37 -34.70 -36.24
C GLU B 303 -5.54 -33.50 -37.17
N LEU B 304 -6.70 -33.43 -37.84
CA LEU B 304 -7.05 -32.25 -38.65
C LEU B 304 -7.25 -31.02 -37.77
N GLU B 305 -7.86 -31.23 -36.60
CA GLU B 305 -8.00 -30.18 -35.61
C GLU B 305 -6.64 -29.84 -35.01
N LEU B 306 -6.02 -30.84 -34.35
CA LEU B 306 -4.72 -30.68 -33.68
C LEU B 306 -3.68 -29.90 -34.48
N ALA B 307 -3.45 -30.32 -35.73
CA ALA B 307 -2.43 -29.72 -36.58
C ALA B 307 -2.80 -28.30 -37.04
N GLU B 308 -4.05 -28.13 -37.46
CA GLU B 308 -4.53 -26.83 -37.96
C GLU B 308 -4.87 -25.85 -36.83
N ASN B 309 -4.94 -26.35 -35.60
CA ASN B 309 -5.01 -25.51 -34.41
C ASN B 309 -3.67 -24.81 -34.19
N ARG B 310 -2.59 -25.55 -34.40
CA ARG B 310 -1.23 -25.05 -34.26
C ARG B 310 -0.92 -23.92 -35.26
N GLU B 311 -1.56 -23.98 -36.42
CA GLU B 311 -1.42 -22.96 -37.46
C GLU B 311 -1.88 -21.59 -36.98
N ILE B 312 -3.08 -21.53 -36.38
CA ILE B 312 -3.66 -20.27 -35.91
C ILE B 312 -2.97 -19.79 -34.64
N LEU B 313 -2.53 -20.74 -33.81
CA LEU B 313 -1.86 -20.45 -32.55
C LEU B 313 -0.48 -19.77 -32.72
N LYS B 314 0.20 -20.07 -33.82
CA LYS B 314 1.52 -19.48 -34.11
C LYS B 314 1.42 -18.11 -34.77
N GLU B 315 0.24 -17.79 -35.30
CA GLU B 315 0.01 -16.54 -36.04
C GLU B 315 -0.56 -15.43 -35.15
N PRO B 316 -0.45 -14.16 -35.59
CA PRO B 316 -1.10 -13.05 -34.87
C PRO B 316 -2.62 -13.18 -34.89
N VAL B 317 -3.27 -12.58 -33.87
CA VAL B 317 -4.72 -12.63 -33.76
C VAL B 317 -5.35 -11.70 -34.79
N HIS B 318 -6.25 -12.24 -35.61
CA HIS B 318 -6.93 -11.45 -36.64
C HIS B 318 -8.08 -10.64 -36.04
N GLY B 319 -8.09 -9.35 -36.36
CA GLY B 319 -9.17 -8.45 -35.92
C GLY B 319 -8.86 -7.64 -34.67
N VAL B 320 -7.67 -7.85 -34.11
CA VAL B 320 -7.28 -7.17 -32.88
C VAL B 320 -6.25 -6.06 -33.16
N TYR B 321 -6.65 -4.83 -32.85
CA TYR B 321 -5.83 -3.65 -33.10
C TYR B 321 -5.79 -2.74 -31.88
N TYR B 322 -4.69 -2.01 -31.75
CA TYR B 322 -4.51 -1.05 -30.66
C TYR B 322 -5.43 0.16 -30.84
N ASP B 323 -6.17 0.47 -29.78
CA ASP B 323 -7.01 1.66 -29.73
C ASP B 323 -6.34 2.68 -28.80
N PRO B 324 -5.85 3.81 -29.36
CA PRO B 324 -5.13 4.84 -28.61
C PRO B 324 -5.96 5.54 -27.54
N SER B 325 -7.28 5.41 -27.61
CA SER B 325 -8.18 6.01 -26.63
C SER B 325 -8.44 5.10 -25.42
N LYS B 326 -7.87 3.90 -25.45
CA LYS B 326 -8.04 2.92 -24.38
C LYS B 326 -6.75 2.60 -23.63
N ASP B 327 -6.88 2.31 -22.34
CA ASP B 327 -5.75 1.90 -21.50
C ASP B 327 -5.23 0.53 -21.89
N LEU B 328 -3.93 0.33 -21.68
CA LEU B 328 -3.31 -0.98 -21.85
C LEU B 328 -3.29 -1.70 -20.51
N ILE B 329 -3.62 -2.99 -20.53
CA ILE B 329 -3.62 -3.81 -19.32
C ILE B 329 -2.62 -4.95 -19.49
N ALA B 330 -1.81 -5.18 -18.45
CA ALA B 330 -0.87 -6.28 -18.46
C ALA B 330 -1.14 -7.27 -17.31
N GLU B 331 -1.30 -8.54 -17.66
CA GLU B 331 -1.43 -9.61 -16.69
C GLU B 331 -0.16 -10.45 -16.68
N ILE B 332 0.26 -10.88 -15.49
CA ILE B 332 1.47 -11.68 -15.32
C ILE B 332 1.16 -12.93 -14.50
N GLN B 333 1.63 -14.08 -14.95
CA GLN B 333 1.48 -15.33 -14.20
C GLN B 333 2.84 -15.89 -13.83
N LYS B 334 2.95 -16.33 -12.57
CA LYS B 334 4.12 -17.03 -12.07
C LYS B 334 4.05 -18.47 -12.55
N GLN B 335 5.09 -18.94 -13.25
CA GLN B 335 5.10 -20.29 -13.83
C GLN B 335 6.00 -21.27 -13.08
N GLY B 336 6.81 -20.75 -12.16
CA GLY B 336 7.80 -21.56 -11.46
C GLY B 336 9.08 -21.68 -12.25
N GLN B 337 10.14 -22.16 -11.59
CA GLN B 337 11.48 -22.29 -12.18
C GLN B 337 12.07 -20.94 -12.64
N GLY B 338 11.56 -19.85 -12.07
CA GLY B 338 12.01 -18.50 -12.42
C GLY B 338 11.43 -17.99 -13.72
N GLN B 339 10.33 -18.59 -14.15
CA GLN B 339 9.68 -18.23 -15.41
C GLN B 339 8.34 -17.53 -15.17
N TRP B 340 8.06 -16.55 -16.01
CA TRP B 340 6.85 -15.74 -15.89
C TRP B 340 6.26 -15.50 -17.27
N THR B 341 4.96 -15.68 -17.40
CA THR B 341 4.25 -15.38 -18.64
C THR B 341 3.45 -14.10 -18.47
N TYR B 342 3.29 -13.35 -19.55
CA TYR B 342 2.53 -12.10 -19.52
C TYR B 342 1.73 -11.88 -20.80
N GLN B 343 0.63 -11.13 -20.66
CA GLN B 343 -0.21 -10.76 -21.78
C GLN B 343 -0.56 -9.29 -21.69
N ILE B 344 -0.57 -8.60 -22.83
CA ILE B 344 -0.98 -7.22 -22.90
C ILE B 344 -2.22 -7.10 -23.80
N TYR B 345 -3.28 -6.53 -23.25
CA TYR B 345 -4.54 -6.37 -23.97
C TYR B 345 -5.23 -5.07 -23.55
N GLN B 346 -6.30 -4.71 -24.26
CA GLN B 346 -7.14 -3.58 -23.90
C GLN B 346 -8.55 -4.07 -23.56
N GLU B 347 -9.04 -5.02 -24.36
CA GLU B 347 -10.25 -5.76 -24.06
C GLU B 347 -9.84 -7.21 -23.79
N PRO B 348 -10.32 -7.80 -22.68
CA PRO B 348 -9.91 -9.15 -22.28
C PRO B 348 -10.11 -10.18 -23.39
N PHE B 349 -9.14 -11.08 -23.52
CA PHE B 349 -9.05 -12.06 -24.62
C PHE B 349 -8.39 -11.53 -25.89
N LYS B 350 -8.48 -10.23 -26.13
CA LYS B 350 -7.94 -9.63 -27.35
C LYS B 350 -6.49 -9.21 -27.15
N ASN B 351 -5.60 -10.21 -27.08
CA ASN B 351 -4.18 -9.99 -26.80
C ASN B 351 -3.46 -9.20 -27.90
N LEU B 352 -2.94 -8.04 -27.53
CA LEU B 352 -2.08 -7.24 -28.39
C LEU B 352 -0.68 -7.84 -28.46
N LYS B 353 -0.21 -8.33 -27.31
CA LYS B 353 1.10 -8.97 -27.20
C LYS B 353 1.12 -10.01 -26.08
N THR B 354 1.86 -11.09 -26.31
CA THR B 354 2.15 -12.08 -25.27
C THR B 354 3.65 -12.34 -25.23
N GLY B 355 4.13 -12.85 -24.10
CA GLY B 355 5.55 -13.16 -23.96
C GLY B 355 5.89 -13.91 -22.69
N LYS B 356 7.19 -13.96 -22.41
CA LYS B 356 7.70 -14.60 -21.21
C LYS B 356 8.87 -13.82 -20.62
N TYR B 357 9.11 -13.99 -19.32
CA TYR B 357 10.32 -13.49 -18.68
C TYR B 357 10.97 -14.63 -17.91
N ALA B 358 12.29 -14.76 -18.06
CA ALA B 358 13.05 -15.81 -17.39
C ALA B 358 14.29 -15.24 -16.70
N ARG B 359 14.65 -15.85 -15.56
CA ARG B 359 15.83 -15.44 -14.80
C ARG B 359 17.12 -15.81 -15.50
N HIS B 364 20.54 -16.21 -7.52
CA HIS B 364 20.21 -15.42 -6.34
C HIS B 364 19.02 -14.50 -6.59
N THR B 365 17.96 -15.07 -7.18
CA THR B 365 16.78 -14.29 -7.56
C THR B 365 15.52 -14.81 -6.86
N ASN B 366 14.83 -13.90 -6.18
CA ASN B 366 13.59 -14.22 -5.49
C ASN B 366 12.37 -13.80 -6.29
N ASP B 367 11.18 -14.24 -5.84
CA ASP B 367 9.91 -13.99 -6.52
C ASP B 367 9.63 -12.53 -6.81
N VAL B 368 9.85 -11.69 -5.81
CA VAL B 368 9.56 -10.26 -5.91
C VAL B 368 10.55 -9.58 -6.87
N LYS B 369 11.83 -9.91 -6.73
CA LYS B 369 12.87 -9.40 -7.62
C LYS B 369 12.60 -9.75 -9.09
N GLN B 370 12.23 -11.00 -9.34
CA GLN B 370 11.88 -11.46 -10.69
C GLN B 370 10.68 -10.71 -11.26
N LEU B 371 9.66 -10.50 -10.41
CA LEU B 371 8.44 -9.80 -10.81
C LEU B 371 8.69 -8.33 -11.15
N THR B 372 9.49 -7.64 -10.34
CA THR B 372 9.86 -6.25 -10.60
C THR B 372 10.60 -6.13 -11.93
N GLU B 373 11.54 -7.04 -12.16
CA GLU B 373 12.29 -7.10 -13.42
C GLU B 373 11.38 -7.34 -14.63
N ALA B 374 10.39 -8.22 -14.46
CA ALA B 374 9.43 -8.53 -15.52
C ALA B 374 8.54 -7.33 -15.82
N VAL B 375 8.06 -6.67 -14.77
CA VAL B 375 7.24 -5.45 -14.90
C VAL B 375 7.99 -4.38 -15.69
N GLN B 376 9.26 -4.18 -15.35
CA GLN B 376 10.10 -3.20 -16.05
C GLN B 376 10.30 -3.57 -17.51
N LYS B 377 10.57 -4.85 -17.76
CA LYS B 377 10.76 -5.37 -19.11
C LYS B 377 9.51 -5.16 -19.97
N ILE B 378 8.35 -5.51 -19.43
CA ILE B 378 7.07 -5.40 -20.14
C ILE B 378 6.75 -3.94 -20.42
N THR B 379 7.06 -3.07 -19.46
CA THR B 379 6.80 -1.63 -19.59
C THR B 379 7.59 -0.97 -20.73
N THR B 380 8.88 -1.30 -20.84
CA THR B 380 9.72 -0.68 -21.89
C THR B 380 9.31 -1.14 -23.29
N GLU B 381 9.00 -2.43 -23.42
CA GLU B 381 8.44 -2.98 -24.65
C GLU B 381 7.17 -2.23 -25.02
N SER B 382 6.32 -1.97 -24.03
CA SER B 382 5.07 -1.24 -24.22
C SER B 382 5.30 0.21 -24.64
N ILE B 383 6.32 0.85 -24.06
CA ILE B 383 6.73 2.20 -24.46
C ILE B 383 7.21 2.20 -25.92
N VAL B 384 8.03 1.21 -26.26
CA VAL B 384 8.57 1.07 -27.62
C VAL B 384 7.48 0.83 -28.67
N ILE B 385 6.50 -0.02 -28.32
CA ILE B 385 5.45 -0.40 -29.29
C ILE B 385 4.33 0.62 -29.38
N TRP B 386 3.83 1.09 -28.24
CA TRP B 386 2.63 1.94 -28.23
C TRP B 386 2.84 3.36 -27.75
N GLY B 387 3.98 3.61 -27.11
CA GLY B 387 4.25 4.93 -26.54
C GLY B 387 3.55 5.20 -25.23
N LYS B 388 3.13 4.15 -24.54
CA LYS B 388 2.60 4.28 -23.19
C LYS B 388 2.78 3.02 -22.34
N THR B 389 2.54 3.18 -21.03
CA THR B 389 2.74 2.10 -20.07
C THR B 389 1.43 1.37 -19.79
N PRO B 390 1.49 0.06 -19.52
CA PRO B 390 0.28 -0.67 -19.15
C PRO B 390 -0.05 -0.57 -17.66
N LYS B 391 -1.30 -0.81 -17.30
CA LYS B 391 -1.66 -0.99 -15.89
C LYS B 391 -1.54 -2.47 -15.56
N PHE B 392 -0.68 -2.77 -14.59
CA PHE B 392 -0.34 -4.14 -14.27
C PHE B 392 -1.31 -4.76 -13.26
N LYS B 393 -1.58 -6.05 -13.47
CA LYS B 393 -2.30 -6.85 -12.49
C LYS B 393 -1.31 -7.83 -11.91
N LEU B 394 -0.86 -7.54 -10.68
CA LEU B 394 0.27 -8.24 -10.08
C LEU B 394 -0.16 -9.37 -9.15
N PRO B 395 0.41 -10.58 -9.35
CA PRO B 395 0.11 -11.75 -8.53
C PRO B 395 0.90 -11.74 -7.22
N ILE B 396 0.60 -10.76 -6.37
CA ILE B 396 1.37 -10.51 -5.14
C ILE B 396 0.50 -9.76 -4.12
N GLN B 397 0.80 -9.96 -2.84
CA GLN B 397 0.15 -9.19 -1.78
C GLN B 397 0.62 -7.74 -1.83
N LYS B 398 -0.34 -6.83 -1.73
CA LYS B 398 -0.10 -5.39 -1.82
C LYS B 398 1.08 -4.92 -0.97
N GLU B 399 1.05 -5.27 0.32
CA GLU B 399 2.07 -4.81 1.28
C GLU B 399 3.46 -5.37 0.98
N THR B 400 3.52 -6.62 0.52
CA THR B 400 4.77 -7.26 0.12
C THR B 400 5.42 -6.50 -1.03
N TRP B 401 4.62 -6.17 -2.05
CA TRP B 401 5.09 -5.43 -3.20
C TRP B 401 5.61 -4.05 -2.79
N GLU B 402 4.83 -3.37 -1.96
CA GLU B 402 5.13 -1.99 -1.55
C GLU B 402 6.43 -1.85 -0.75
N THR B 403 6.73 -2.82 0.11
CA THR B 403 7.98 -2.79 0.88
C THR B 403 9.23 -3.16 0.07
N TRP B 404 9.05 -3.96 -0.97
CA TRP B 404 10.19 -4.56 -1.68
C TRP B 404 10.53 -4.00 -3.07
N TRP B 405 9.55 -3.40 -3.75
CA TRP B 405 9.72 -3.04 -5.17
C TRP B 405 10.86 -2.07 -5.48
N THR B 406 11.15 -1.13 -4.57
CA THR B 406 12.21 -0.15 -4.76
C THR B 406 13.62 -0.76 -4.63
N GLU B 407 13.71 -1.87 -3.91
CA GLU B 407 14.97 -2.60 -3.75
C GLU B 407 15.54 -3.09 -5.10
N TYR B 408 14.65 -3.31 -6.06
CA TYR B 408 15.03 -3.89 -7.34
C TYR B 408 14.66 -3.01 -8.54
N TRP B 409 13.94 -1.92 -8.29
CA TRP B 409 13.54 -0.99 -9.33
C TRP B 409 14.73 -0.17 -9.84
N GLN B 410 14.82 -0.02 -11.15
CA GLN B 410 15.93 0.70 -11.80
C GLN B 410 15.45 1.76 -12.79
N ALA B 411 14.19 1.67 -13.22
CA ALA B 411 13.63 2.59 -14.20
C ALA B 411 13.27 3.94 -13.58
N THR B 412 13.19 4.97 -14.42
CA THR B 412 12.90 6.33 -13.97
C THR B 412 11.40 6.63 -14.00
N TRP B 413 10.62 5.74 -14.60
CA TRP B 413 9.17 5.82 -14.57
C TRP B 413 8.57 4.80 -13.62
N ILE B 414 7.28 4.95 -13.33
CA ILE B 414 6.53 3.96 -12.55
C ILE B 414 5.16 3.74 -13.19
N PRO B 415 4.86 2.49 -13.59
CA PRO B 415 3.53 2.19 -14.13
C PRO B 415 2.48 2.09 -13.03
N GLU B 416 1.22 2.22 -13.40
CA GLU B 416 0.12 1.94 -12.48
C GLU B 416 -0.04 0.43 -12.29
N TRP B 417 -0.55 0.02 -11.14
CA TRP B 417 -0.70 -1.40 -10.84
C TRP B 417 -1.89 -1.75 -9.96
N GLU B 418 -2.38 -2.97 -10.14
CA GLU B 418 -3.41 -3.59 -9.31
C GLU B 418 -2.80 -4.82 -8.64
N PHE B 419 -3.48 -5.34 -7.63
CA PHE B 419 -3.06 -6.58 -6.99
C PHE B 419 -4.20 -7.60 -7.06
N VAL B 420 -3.92 -8.71 -7.73
CA VAL B 420 -4.96 -9.67 -8.12
C VAL B 420 -4.67 -11.10 -7.67
N ASN B 421 -5.70 -11.95 -7.81
CA ASN B 421 -5.58 -13.38 -7.55
C ASN B 421 -5.59 -14.16 -8.86
N THR B 422 -4.40 -14.55 -9.33
CA THR B 422 -4.26 -15.29 -10.59
C THR B 422 -5.25 -16.45 -10.67
N PRO B 423 -6.15 -16.43 -11.68
CA PRO B 423 -7.08 -17.53 -11.91
C PRO B 423 -6.32 -18.83 -12.21
N PRO B 424 -6.75 -19.94 -11.59
CA PRO B 424 -5.97 -21.19 -11.51
C PRO B 424 -5.45 -21.74 -12.83
N LEU B 425 -6.25 -21.64 -13.89
CA LEU B 425 -5.93 -22.34 -15.15
C LEU B 425 -5.29 -21.46 -16.23
N VAL B 426 -5.42 -20.13 -16.08
CA VAL B 426 -4.73 -19.17 -16.96
C VAL B 426 -3.22 -19.46 -16.98
N LYS B 427 -2.70 -19.92 -15.85
CA LYS B 427 -1.29 -20.29 -15.68
C LYS B 427 -0.84 -21.39 -16.66
N LEU B 428 -1.48 -22.56 -16.58
CA LEU B 428 -1.08 -23.71 -17.42
C LEU B 428 -1.48 -23.55 -18.88
N TRP B 429 -2.47 -22.69 -19.15
CA TRP B 429 -2.89 -22.41 -20.52
C TRP B 429 -1.84 -21.58 -21.27
N TYR B 430 -1.14 -20.71 -20.55
CA TYR B 430 -0.07 -19.90 -21.13
C TYR B 430 1.32 -20.52 -20.92
N GLN B 431 1.35 -21.70 -20.31
CA GLN B 431 2.59 -22.42 -20.04
C GLN B 431 3.16 -23.00 -21.34
C LP8 C . -23.05 -25.46 -15.82
N LP8 C . -22.04 -25.65 -14.94
O LP8 C . -22.10 -26.78 -14.14
C1 LP8 C . -21.90 -23.43 -16.46
C2 LP8 C . -22.99 -24.30 -16.63
O3 LP8 C . -24.06 -26.33 -15.92
C4 LP8 C . -20.96 -24.84 -14.74
C5 LP8 C . -20.89 -23.69 -15.53
C6 LP8 C . -19.79 -22.85 -15.33
C7 LP8 C . -18.81 -23.17 -14.39
C8 LP8 C . -18.98 -24.33 -13.65
N9 LP8 C . -20.04 -25.17 -13.81
O10 LP8 C . -21.71 -22.31 -17.15
C11 LP8 C . -24.12 -24.09 -17.61
C12 LP8 C . -25.19 -23.07 -17.16
C13 LP8 C . -25.37 -22.10 -18.33
C14 LP8 C . -24.92 -22.88 -19.55
C15 LP8 C . -23.73 -23.69 -19.03
MN MN D . -23.38 -28.44 -14.98
MN MN E . -20.62 -27.27 -12.83
N1 NVP F . 12.33 11.06 23.96
CA NVP F . 13.38 11.69 23.15
CB NVP F . 13.25 13.17 22.77
CC NVP F . 14.24 12.74 23.85
N3 NVP F . 10.90 10.88 22.07
C4 NVP F . 9.65 10.83 21.57
C5 NVP F . 8.53 10.78 22.40
C6 NVP F . 8.69 11.17 23.71
CD NVP F . 7.47 11.54 24.52
C2 NVP F . 11.07 11.03 23.42
C7 NVP F . 9.97 11.22 24.27
N8 NVP F . 10.13 11.12 25.62
C9 NVP F . 10.93 10.39 26.43
OE NVP F . 10.71 10.39 27.63
C10 NVP F . 12.06 9.71 25.96
C15 NVP F . 12.72 10.01 24.75
C11 NVP F . 12.48 8.55 26.63
C12 NVP F . 13.73 7.99 26.36
C13 NVP F . 14.42 8.46 25.25
N14 NVP F . 13.85 9.34 24.39
#